data_7EIQ
#
_entry.id   7EIQ
#
_cell.length_a   49.272
_cell.length_b   94.528
_cell.length_c   229.231
_cell.angle_alpha   90.000
_cell.angle_beta   90.000
_cell.angle_gamma   90.000
#
_symmetry.space_group_name_H-M   'P 21 21 21'
#
loop_
_entity.id
_entity.type
_entity.pdbx_description
1 polymer 'Chondroitin sulfate ABC endolyase'
2 branched '4-deoxy-alpha-L-threo-hex-4-enopyranuronic acid-(1-3)-2-acetamido-2-deoxy-4-O-sulfo-beta-D-galactopyranose'
3 non-polymer 'MAGNESIUM ION'
4 water water
#
_entity_poly.entity_id   1
_entity_poly.type   'polypeptide(L)'
_entity_poly.pdbx_seq_one_letter_code
;MPIFRFTALAMTLGLLSAPYNAMAATSNPAFDPKNLMQSEIYHFAQNNPLADFSSDKNSILTLSDKRSIMGNQSLLWKWK
GGSSFTLHKKLIVPTDKEASKAWGRSSTPVFSFWLYNEKPIDGYLTIDFGEKLISTSEAQAGFKVKLDFTGWRAVGVSLN
NDLENREMTLNATNTSSDGTQDSIGRSLGAKVDSIRFKAPSNVSQGEIYIDRIMFSVDDARYQWSDYQVKTRLSEPEIQF
HNVKPQLPVTPENLAAIDLIRQRLINEFVGGEKETNLALEENISKLKSDFDALNIHTLANGGTQGRHLITDKQIIIYQPE
NLNSQDKQLFDNYVILGNYTTLMFNISRAYVLEKDPTQKAQLKQMYLLMTKHLLDQGFVKGSALVTTHHWGYSSRWWYIS
TLLMSDALKEANLQTQVYDSLLWYSREFKSSFDMKVSADSSDLDYFNTLSRQHLALLLLEPDDQKRINLVNTFSHYITGA
LTQVPPGGKDGLRPDGTAWRHEGNYPGYSFPAFKNASQLIYLLRDTPFSVGESGWNNLKKAMVSAWIYSNPEVGLPLAGR
HPFNSPSLKSVAQGYYWLAMSAKSSPDKTLASIYLAISDKTQNESTAIFGETITPASLPQGFYAFNGGAFGIHRWQDKMV
TLKAYNTNVWSSEIYNKDNRYGRYQSHGVAQIVSNGSQLSQGYQQEGWDWNRMQGATTIHLPLKDLDSPKPHTLMQRGER
GFSGTSSLEGQYGMMAFDLIYPANLERFDPNFTAKKSVLAADNHLIFIGSNINSSDKNKNVETTLFQHAITPTLNTLWIN
GQKIENMPYQTTLQQGDWLIDSNGNGYLITQAEKVNVSRQHQVSAENKNRQPTEGNFSSAWIDHSTRPKDASYEYMVFLD
ATPEKMGEMAQKFRENNGLYQVLRKDKDVHIILDKLSNVTGYAFYQPASIEDKWIKKVNKPAIVMTHRQKDTLIVSAVTP
DLNMTRQKAATPVTINVTINGKWQSADKNSEVKYQVSGDNTELTFTSYFGIPQEIKLSPLP
;
_entity_poly.pdbx_strand_id   A
#
loop_
_chem_comp.id
_chem_comp.type
_chem_comp.name
_chem_comp.formula
ASG D-saccharide, beta linking 2-acetamido-2-deoxy-4-O-sulfo-beta-D-galactopyranose 'C8 H15 N O9 S'
GCD L-saccharide, alpha linking '4-deoxy-alpha-L-threo-hex-4-enopyranuronic acid' 'C6 H8 O6'
MG non-polymer 'MAGNESIUM ION' 'Mg 2'
#
# COMPACT_ATOMS: atom_id res chain seq x y z
N ALA A 25 -13.81 -24.36 -31.30
CA ALA A 25 -14.04 -23.66 -32.64
C ALA A 25 -15.41 -24.06 -33.22
N THR A 26 -16.12 -23.06 -33.74
CA THR A 26 -17.54 -23.11 -34.22
C THR A 26 -17.62 -22.77 -35.71
N SER A 27 -18.81 -22.95 -36.34
CA SER A 27 -19.09 -22.63 -37.77
C SER A 27 -19.19 -21.11 -37.94
N ASN A 28 -19.39 -20.40 -36.83
CA ASN A 28 -19.58 -18.93 -36.82
C ASN A 28 -18.25 -18.29 -37.20
N PRO A 29 -18.26 -17.09 -37.80
CA PRO A 29 -17.04 -16.33 -37.97
C PRO A 29 -16.48 -15.84 -36.63
N ALA A 30 -15.18 -15.61 -36.64
CA ALA A 30 -14.51 -14.87 -35.58
C ALA A 30 -15.30 -13.55 -35.38
N PHE A 31 -15.51 -13.16 -34.12
CA PHE A 31 -16.01 -11.82 -33.70
C PHE A 31 -17.45 -11.68 -34.21
N ASP A 32 -18.22 -12.74 -34.05
CA ASP A 32 -19.64 -12.88 -34.47
C ASP A 32 -20.51 -12.01 -33.56
N PRO A 33 -21.45 -11.23 -34.12
CA PRO A 33 -22.34 -10.41 -33.27
C PRO A 33 -23.24 -11.19 -32.28
N LYS A 34 -23.58 -12.46 -32.52
CA LYS A 34 -24.25 -13.24 -31.44
C LYS A 34 -23.51 -13.02 -30.10
N ASN A 35 -22.16 -13.08 -30.10
CA ASN A 35 -21.29 -12.75 -28.93
C ASN A 35 -19.91 -12.42 -29.53
N LEU A 36 -19.70 -11.20 -30.05
CA LEU A 36 -18.38 -10.55 -30.33
C LEU A 36 -17.29 -10.99 -29.34
N MET A 37 -17.58 -11.08 -28.05
CA MET A 37 -16.56 -11.40 -26.99
C MET A 37 -16.24 -12.91 -26.89
N GLN A 38 -16.96 -13.74 -27.61
CA GLN A 38 -16.75 -15.21 -27.68
C GLN A 38 -15.55 -15.48 -28.59
N SER A 39 -14.45 -15.91 -27.97
CA SER A 39 -13.23 -16.32 -28.71
C SER A 39 -13.55 -17.56 -29.54
N GLU A 40 -13.03 -17.59 -30.76
CA GLU A 40 -12.86 -18.78 -31.64
C GLU A 40 -11.43 -19.32 -31.49
N ILE A 41 -11.34 -20.60 -31.11
CA ILE A 41 -10.05 -21.28 -30.77
C ILE A 41 -9.97 -22.62 -31.52
N TYR A 42 -8.91 -22.79 -32.30
CA TYR A 42 -8.45 -24.04 -32.93
C TYR A 42 -7.49 -24.74 -31.98
N HIS A 43 -8.04 -25.56 -31.07
CA HIS A 43 -7.30 -26.41 -30.11
C HIS A 43 -7.31 -27.89 -30.57
N PHE A 44 -8.18 -28.21 -31.53
CA PHE A 44 -8.30 -29.52 -32.20
C PHE A 44 -8.91 -30.60 -31.30
N ALA A 45 -9.24 -30.31 -30.06
CA ALA A 45 -10.07 -31.18 -29.19
C ALA A 45 -11.55 -31.12 -29.60
N GLN A 46 -11.83 -31.43 -30.88
CA GLN A 46 -13.21 -31.57 -31.42
C GLN A 46 -13.24 -32.54 -32.61
N ASN A 47 -14.45 -33.02 -32.92
CA ASN A 47 -14.82 -33.79 -34.14
C ASN A 47 -14.29 -33.04 -35.37
N ASN A 48 -13.88 -33.77 -36.40
CA ASN A 48 -13.25 -33.25 -37.65
C ASN A 48 -12.53 -31.94 -37.31
N PRO A 49 -11.21 -32.01 -36.96
CA PRO A 49 -10.44 -30.86 -36.47
C PRO A 49 -9.61 -30.11 -37.53
N LEU A 50 -9.30 -30.73 -38.67
CA LEU A 50 -8.60 -30.00 -39.76
C LEU A 50 -9.64 -29.63 -40.84
N ALA A 51 -10.93 -29.60 -40.48
CA ALA A 51 -11.97 -29.27 -41.49
C ALA A 51 -11.70 -27.89 -42.13
N ASP A 52 -11.35 -26.87 -41.33
CA ASP A 52 -11.17 -25.45 -41.76
C ASP A 52 -9.78 -25.24 -42.40
N PHE A 53 -8.97 -26.29 -42.56
CA PHE A 53 -7.55 -26.13 -42.96
C PHE A 53 -7.29 -26.80 -44.30
N SER A 54 -6.39 -26.19 -45.10
CA SER A 54 -5.99 -26.65 -46.44
C SER A 54 -4.48 -26.41 -46.58
N SER A 55 -3.71 -27.37 -47.08
CA SER A 55 -2.24 -27.29 -47.27
C SER A 55 -1.93 -27.29 -48.77
N ASP A 56 -0.94 -26.51 -49.24
CA ASP A 56 -0.41 -26.66 -50.63
C ASP A 56 0.35 -27.99 -50.76
N LYS A 57 0.95 -28.22 -51.93
CA LYS A 57 1.65 -29.49 -52.31
C LYS A 57 2.84 -29.76 -51.38
N ASN A 58 3.50 -28.69 -50.91
CA ASN A 58 4.85 -28.73 -50.25
C ASN A 58 4.70 -28.65 -48.72
N SER A 59 3.47 -28.80 -48.21
CA SER A 59 3.13 -28.81 -46.78
C SER A 59 2.25 -30.03 -46.49
N ILE A 60 2.45 -30.62 -45.32
CA ILE A 60 1.70 -31.75 -44.73
C ILE A 60 1.22 -31.39 -43.31
N LEU A 61 -0.03 -31.68 -42.96
CA LEU A 61 -0.53 -31.36 -41.58
C LEU A 61 -0.99 -32.64 -40.89
N THR A 62 -0.58 -32.89 -39.65
CA THR A 62 -1.17 -33.95 -38.78
C THR A 62 -1.40 -33.45 -37.36
N LEU A 63 -2.27 -34.12 -36.61
CA LEU A 63 -2.33 -33.90 -35.14
C LEU A 63 -1.25 -34.77 -34.46
N SER A 64 -0.41 -34.17 -33.60
CA SER A 64 0.53 -34.91 -32.75
C SER A 64 0.00 -34.89 -31.33
N ASP A 65 0.12 -35.98 -30.56
CA ASP A 65 -0.17 -35.92 -29.11
C ASP A 65 1.15 -35.79 -28.32
N LYS A 66 2.27 -35.48 -28.98
CA LYS A 66 3.60 -35.41 -28.32
C LYS A 66 3.66 -34.19 -27.40
N ARG A 67 3.09 -33.08 -27.86
CA ARG A 67 2.96 -31.84 -27.03
C ARG A 67 1.69 -31.09 -27.46
N SER A 68 1.19 -30.25 -26.56
CA SER A 68 -0.03 -29.45 -26.80
C SER A 68 -0.11 -28.31 -25.78
N ILE A 69 -0.89 -27.25 -26.10
CA ILE A 69 -1.20 -26.14 -25.18
C ILE A 69 -2.61 -26.34 -24.61
N MET A 70 -3.61 -26.49 -25.48
CA MET A 70 -5.02 -26.65 -25.07
C MET A 70 -5.53 -27.95 -25.72
N GLY A 71 -6.13 -28.84 -24.94
CA GLY A 71 -6.38 -30.24 -25.35
C GLY A 71 -5.11 -31.05 -25.46
N ASN A 72 -5.22 -32.34 -25.84
CA ASN A 72 -4.04 -33.25 -25.80
C ASN A 72 -3.31 -33.26 -27.15
N GLN A 73 -3.73 -32.45 -28.11
CA GLN A 73 -3.07 -32.48 -29.44
C GLN A 73 -2.70 -31.09 -29.96
N SER A 74 -1.65 -31.10 -30.76
CA SER A 74 -1.14 -29.94 -31.52
C SER A 74 -1.02 -30.31 -33.00
N LEU A 75 -0.95 -29.27 -33.80
CA LEU A 75 -0.88 -29.37 -35.28
C LEU A 75 0.58 -29.53 -35.60
N LEU A 76 0.97 -30.69 -36.15
CA LEU A 76 2.34 -30.86 -36.69
C LEU A 76 2.33 -30.44 -38.15
N TRP A 77 3.08 -29.39 -38.50
CA TRP A 77 3.18 -28.85 -39.88
C TRP A 77 4.56 -29.14 -40.46
N LYS A 78 4.70 -30.21 -41.23
CA LYS A 78 5.94 -30.50 -42.04
C LYS A 78 5.91 -29.73 -43.35
N TRP A 79 6.98 -29.01 -43.67
CA TRP A 79 7.00 -28.06 -44.81
C TRP A 79 8.36 -28.03 -45.51
N LYS A 80 8.31 -27.72 -46.80
CA LYS A 80 9.47 -27.31 -47.62
C LYS A 80 9.42 -25.79 -47.68
N GLY A 81 10.59 -25.18 -47.92
CA GLY A 81 10.85 -23.74 -47.79
C GLY A 81 9.88 -22.93 -48.64
N GLY A 82 9.16 -21.98 -48.06
CA GLY A 82 8.27 -21.10 -48.84
C GLY A 82 6.91 -21.70 -49.19
N SER A 83 6.57 -22.89 -48.72
CA SER A 83 5.22 -23.47 -48.80
C SER A 83 4.27 -22.86 -47.75
N SER A 84 2.95 -22.92 -47.99
CA SER A 84 1.91 -22.46 -47.04
C SER A 84 0.85 -23.53 -46.74
N PHE A 85 0.19 -23.35 -45.58
CA PHE A 85 -1.17 -23.87 -45.26
C PHE A 85 -2.11 -22.68 -44.94
N THR A 86 -3.41 -22.90 -45.09
CA THR A 86 -4.45 -21.87 -44.92
C THR A 86 -5.55 -22.37 -43.98
N LEU A 87 -5.89 -21.50 -43.01
CA LEU A 87 -7.06 -21.59 -42.13
C LEU A 87 -8.15 -20.77 -42.80
N HIS A 88 -9.26 -21.42 -43.18
CA HIS A 88 -10.44 -20.81 -43.83
C HIS A 88 -11.39 -20.49 -42.69
N LYS A 89 -11.34 -19.24 -42.20
CA LYS A 89 -12.25 -18.72 -41.16
C LYS A 89 -12.64 -17.28 -41.54
N LYS A 90 -13.94 -17.01 -41.64
CA LYS A 90 -14.47 -15.64 -41.86
C LYS A 90 -14.17 -14.83 -40.58
N LEU A 91 -13.61 -13.63 -40.77
CA LEU A 91 -13.36 -12.63 -39.68
C LEU A 91 -14.15 -11.35 -39.96
N ILE A 92 -15.10 -11.07 -39.07
CA ILE A 92 -15.81 -9.76 -38.98
C ILE A 92 -14.99 -8.91 -38.01
N VAL A 93 -13.90 -8.34 -38.49
CA VAL A 93 -12.92 -7.72 -37.56
C VAL A 93 -13.54 -6.42 -37.05
N PRO A 94 -13.73 -6.26 -35.72
CA PRO A 94 -14.28 -5.02 -35.14
C PRO A 94 -13.23 -3.88 -35.15
N THR A 95 -13.68 -2.64 -35.22
CA THR A 95 -12.84 -1.47 -34.83
C THR A 95 -12.43 -1.58 -33.36
N ASP A 96 -11.35 -0.93 -32.99
CA ASP A 96 -10.94 -0.75 -31.56
C ASP A 96 -12.09 -0.13 -30.77
N LYS A 97 -12.79 0.85 -31.36
CA LYS A 97 -14.01 1.47 -30.78
C LYS A 97 -15.05 0.41 -30.47
N GLU A 98 -15.38 -0.44 -31.46
CA GLU A 98 -16.42 -1.48 -31.29
C GLU A 98 -16.04 -2.51 -30.23
N ALA A 99 -14.80 -3.01 -30.28
CA ALA A 99 -14.25 -3.98 -29.32
C ALA A 99 -14.35 -3.40 -27.91
N SER A 100 -13.88 -2.16 -27.77
CA SER A 100 -13.88 -1.41 -26.49
C SER A 100 -15.32 -1.23 -25.96
N LYS A 101 -16.29 -0.84 -26.82
CA LYS A 101 -17.71 -0.69 -26.39
C LYS A 101 -18.24 -2.04 -25.92
N ALA A 102 -17.85 -3.14 -26.58
CA ALA A 102 -18.35 -4.50 -26.29
C ALA A 102 -17.82 -5.00 -24.93
N TRP A 103 -16.61 -4.66 -24.54
CA TRP A 103 -16.04 -5.17 -23.27
C TRP A 103 -16.17 -4.15 -22.14
N GLY A 104 -15.95 -2.86 -22.40
CA GLY A 104 -16.10 -1.79 -21.39
C GLY A 104 -14.77 -1.16 -21.02
N ARG A 105 -13.66 -1.54 -21.64
CA ARG A 105 -12.39 -0.80 -21.51
C ARG A 105 -11.68 -0.78 -22.85
N SER A 106 -10.62 0.02 -23.00
CA SER A 106 -9.87 0.15 -24.28
C SER A 106 -9.38 -1.25 -24.76
N SER A 107 -9.75 -1.67 -25.97
CA SER A 107 -9.67 -3.08 -26.45
C SER A 107 -9.24 -3.10 -27.90
N THR A 108 -8.73 -4.24 -28.35
CA THR A 108 -8.46 -4.45 -29.78
C THR A 108 -8.72 -5.92 -30.07
N PRO A 109 -9.15 -6.23 -31.29
CA PRO A 109 -9.17 -7.60 -31.79
C PRO A 109 -7.76 -8.17 -32.00
N VAL A 110 -7.54 -9.38 -31.47
CA VAL A 110 -6.19 -9.97 -31.44
C VAL A 110 -6.23 -11.32 -32.12
N PHE A 111 -5.22 -11.58 -32.94
CA PHE A 111 -4.89 -12.92 -33.44
C PHE A 111 -3.73 -13.45 -32.61
N SER A 112 -3.85 -14.67 -32.10
CA SER A 112 -2.80 -15.28 -31.25
C SER A 112 -2.69 -16.77 -31.55
N PHE A 113 -1.51 -17.34 -31.28
CA PHE A 113 -1.27 -18.79 -31.39
C PHE A 113 0.00 -19.10 -30.63
N TRP A 114 0.19 -20.39 -30.40
CA TRP A 114 1.45 -20.94 -29.85
C TRP A 114 2.15 -21.76 -30.91
N LEU A 115 3.48 -21.74 -30.88
CA LEU A 115 4.27 -22.60 -31.81
C LEU A 115 5.48 -23.11 -31.04
N TYR A 116 5.86 -24.33 -31.37
CA TYR A 116 7.02 -25.08 -30.82
C TYR A 116 7.98 -25.41 -31.95
N ASN A 117 9.25 -25.06 -31.72
CA ASN A 117 10.43 -25.53 -32.49
C ASN A 117 11.25 -26.50 -31.62
N GLU A 118 11.48 -27.70 -32.13
CA GLU A 118 12.47 -28.69 -31.59
C GLU A 118 13.87 -28.23 -31.96
N LYS A 119 14.01 -27.42 -33.01
CA LYS A 119 15.34 -26.94 -33.42
C LYS A 119 15.14 -25.56 -33.99
N PRO A 120 16.14 -24.68 -33.83
CA PRO A 120 16.03 -23.30 -34.33
C PRO A 120 16.04 -23.18 -35.85
N ILE A 121 15.33 -22.19 -36.42
CA ILE A 121 15.21 -21.95 -37.89
C ILE A 121 15.68 -20.52 -38.20
N ASP A 122 16.59 -20.34 -39.16
CA ASP A 122 17.22 -19.03 -39.47
C ASP A 122 16.39 -18.31 -40.54
N GLY A 123 15.25 -17.73 -40.14
CA GLY A 123 14.30 -17.12 -41.08
C GLY A 123 13.01 -16.78 -40.37
N TYR A 124 11.98 -16.47 -41.15
CA TYR A 124 10.71 -15.83 -40.68
C TYR A 124 9.51 -16.66 -41.15
N LEU A 125 8.54 -16.91 -40.25
CA LEU A 125 7.17 -17.37 -40.60
C LEU A 125 6.35 -16.13 -40.94
N THR A 126 5.62 -16.19 -42.05
CA THR A 126 4.71 -15.11 -42.54
C THR A 126 3.25 -15.56 -42.37
N ILE A 127 2.50 -14.71 -41.68
CA ILE A 127 1.04 -14.87 -41.50
C ILE A 127 0.40 -13.75 -42.31
N ASP A 128 -0.34 -14.13 -43.36
CA ASP A 128 -1.12 -13.21 -44.23
C ASP A 128 -2.62 -13.35 -43.96
N PHE A 129 -3.33 -12.23 -44.06
CA PHE A 129 -4.80 -12.18 -43.96
C PHE A 129 -5.38 -11.65 -45.28
N GLY A 130 -6.38 -12.35 -45.81
CA GLY A 130 -7.24 -11.79 -46.87
C GLY A 130 -8.35 -12.72 -47.32
N GLU A 131 -8.80 -12.47 -48.55
CA GLU A 131 -10.08 -12.98 -49.10
C GLU A 131 -9.69 -14.01 -50.15
N LYS A 132 -10.20 -15.25 -50.01
CA LYS A 132 -10.06 -16.37 -50.96
C LYS A 132 -8.60 -16.52 -51.38
N LEU A 133 -7.67 -16.43 -50.43
CA LEU A 133 -6.23 -16.69 -50.67
C LEU A 133 -6.05 -18.17 -51.03
N ILE A 134 -5.12 -18.41 -51.97
CA ILE A 134 -4.38 -19.69 -52.14
C ILE A 134 -2.91 -19.33 -52.05
N SER A 135 -2.05 -20.34 -52.18
CA SER A 135 -0.57 -20.28 -52.00
C SER A 135 0.04 -19.02 -52.63
N THR A 136 -0.57 -18.46 -53.68
CA THR A 136 0.10 -17.56 -54.68
C THR A 136 -0.49 -16.14 -54.64
N SER A 137 -1.45 -15.87 -53.75
CA SER A 137 -2.19 -14.57 -53.72
C SER A 137 -1.39 -13.53 -52.91
N GLN A 140 -3.14 -8.45 -49.04
CA GLN A 140 -3.83 -7.47 -48.15
C GLN A 140 -2.94 -6.94 -46.99
N ALA A 141 -2.75 -7.70 -45.91
CA ALA A 141 -1.92 -7.25 -44.76
C ALA A 141 -1.44 -8.45 -43.95
N GLY A 142 -0.37 -8.29 -43.19
CA GLY A 142 0.25 -9.46 -42.55
C GLY A 142 1.39 -9.08 -41.60
N PHE A 143 2.02 -10.09 -41.01
CA PHE A 143 3.12 -9.88 -40.04
C PHE A 143 4.10 -11.05 -40.11
N LYS A 144 5.28 -10.87 -39.53
CA LYS A 144 6.45 -11.81 -39.52
C LYS A 144 6.59 -12.40 -38.10
N VAL A 145 6.89 -13.69 -37.97
CA VAL A 145 7.41 -14.27 -36.70
C VAL A 145 8.81 -14.87 -36.94
N LYS A 146 9.85 -14.37 -36.26
CA LYS A 146 11.25 -14.93 -36.35
C LYS A 146 11.31 -16.31 -35.69
N LEU A 147 12.04 -17.28 -36.27
CA LEU A 147 11.86 -18.72 -35.92
C LEU A 147 13.11 -19.31 -35.23
N ASP A 148 14.03 -18.43 -34.88
CA ASP A 148 15.34 -18.74 -34.27
C ASP A 148 15.18 -18.99 -32.79
N PHE A 149 14.66 -20.14 -32.40
CA PHE A 149 14.44 -20.49 -30.98
C PHE A 149 14.05 -21.94 -30.89
N THR A 150 14.01 -22.45 -29.67
CA THR A 150 13.37 -23.76 -29.37
C THR A 150 12.44 -23.58 -28.17
N GLY A 151 11.52 -24.52 -28.03
CA GLY A 151 10.50 -24.56 -26.99
C GLY A 151 9.30 -23.83 -27.53
N TRP A 152 8.26 -23.73 -26.70
CA TRP A 152 7.02 -23.01 -27.00
C TRP A 152 7.32 -21.52 -27.04
N ARG A 153 6.74 -20.81 -28.01
CA ARG A 153 6.53 -19.32 -27.93
C ARG A 153 5.06 -18.96 -28.22
N ALA A 154 4.57 -17.92 -27.58
CA ALA A 154 3.27 -17.30 -27.96
C ALA A 154 3.49 -16.08 -28.89
N VAL A 155 2.52 -15.92 -29.75
CA VAL A 155 2.44 -14.78 -30.68
C VAL A 155 1.08 -14.13 -30.46
N GLY A 156 1.02 -12.81 -30.45
CA GLY A 156 -0.27 -12.16 -30.33
C GLY A 156 -0.16 -10.77 -30.90
N VAL A 157 -1.02 -10.42 -31.85
CA VAL A 157 -0.98 -9.10 -32.53
C VAL A 157 -2.40 -8.51 -32.56
N SER A 158 -2.49 -7.18 -32.52
CA SER A 158 -3.76 -6.47 -32.84
C SER A 158 -4.01 -6.54 -34.35
N LEU A 159 -5.15 -7.05 -34.75
CA LEU A 159 -5.55 -7.05 -36.18
C LEU A 159 -5.76 -5.63 -36.73
N ASN A 160 -5.97 -4.64 -35.88
CA ASN A 160 -6.24 -3.24 -36.33
C ASN A 160 -4.95 -2.43 -36.35
N ASN A 161 -3.92 -2.81 -35.59
CA ASN A 161 -2.76 -1.94 -35.24
C ASN A 161 -1.38 -2.54 -35.55
N ASP A 162 -1.23 -3.87 -35.63
CA ASP A 162 0.10 -4.52 -35.71
C ASP A 162 0.32 -5.23 -37.07
N LEU A 163 -0.54 -5.08 -38.07
CA LEU A 163 -0.25 -5.72 -39.40
C LEU A 163 0.39 -4.67 -40.32
N GLU A 164 1.18 -5.11 -41.31
CA GLU A 164 1.63 -4.24 -42.42
C GLU A 164 1.14 -4.83 -43.74
N LEU A 188 -7.70 -3.93 -42.52
CA LEU A 188 -8.35 -5.26 -42.75
C LEU A 188 -9.81 -5.13 -43.20
N GLY A 189 -10.07 -5.24 -44.52
CA GLY A 189 -11.42 -5.24 -45.13
C GLY A 189 -12.33 -6.36 -44.59
N ALA A 190 -13.62 -6.06 -44.44
CA ALA A 190 -14.65 -6.95 -43.85
C ALA A 190 -14.63 -8.36 -44.47
N LYS A 191 -14.06 -8.54 -45.67
CA LYS A 191 -14.19 -9.79 -46.46
C LYS A 191 -13.12 -10.82 -46.08
N VAL A 192 -12.32 -10.62 -45.04
CA VAL A 192 -11.20 -11.56 -44.74
C VAL A 192 -11.78 -12.91 -44.32
N ASP A 193 -11.32 -13.98 -45.00
CA ASP A 193 -11.72 -15.38 -44.69
C ASP A 193 -10.52 -16.33 -44.72
N SER A 194 -9.31 -15.79 -44.90
CA SER A 194 -8.10 -16.59 -45.18
C SER A 194 -6.95 -16.13 -44.28
N ILE A 195 -6.42 -17.06 -43.49
CA ILE A 195 -5.19 -16.82 -42.69
C ILE A 195 -4.16 -17.79 -43.22
N ARG A 196 -3.17 -17.26 -43.92
CA ARG A 196 -2.17 -18.09 -44.63
C ARG A 196 -0.85 -18.07 -43.83
N PHE A 197 -0.43 -19.26 -43.42
CA PHE A 197 0.85 -19.53 -42.72
C PHE A 197 1.86 -19.99 -43.76
N LYS A 198 2.86 -19.16 -44.05
CA LYS A 198 3.89 -19.35 -45.11
C LYS A 198 5.29 -19.55 -44.51
N ALA A 199 5.87 -20.74 -44.69
CA ALA A 199 7.24 -21.08 -44.22
C ALA A 199 8.31 -20.17 -44.85
N PRO A 200 9.50 -19.96 -44.21
CA PRO A 200 10.54 -19.10 -44.79
C PRO A 200 10.98 -19.67 -46.16
N SER A 201 11.10 -18.76 -47.15
CA SER A 201 11.65 -18.90 -48.53
C SER A 201 13.11 -19.36 -48.50
N ASN A 202 13.92 -18.73 -47.64
CA ASN A 202 15.40 -18.80 -47.76
C ASN A 202 15.92 -19.94 -46.89
N VAL A 203 15.11 -20.97 -46.62
CA VAL A 203 15.46 -22.17 -45.79
C VAL A 203 14.85 -23.39 -46.44
N SER A 204 15.57 -24.48 -46.71
CA SER A 204 15.08 -25.43 -47.76
C SER A 204 14.01 -26.40 -47.21
N GLN A 205 14.04 -26.77 -45.92
CA GLN A 205 12.90 -27.57 -45.36
C GLN A 205 12.80 -27.32 -43.85
N GLY A 206 11.82 -27.91 -43.17
CA GLY A 206 11.59 -27.72 -41.73
C GLY A 206 10.25 -28.20 -41.22
N GLU A 207 10.01 -27.96 -39.94
CA GLU A 207 8.96 -28.59 -39.11
C GLU A 207 8.54 -27.64 -37.96
N ILE A 208 7.25 -27.37 -37.75
CA ILE A 208 6.74 -26.49 -36.64
C ILE A 208 5.44 -27.08 -36.09
N TYR A 209 5.34 -27.11 -34.78
CA TYR A 209 4.11 -27.49 -34.05
C TYR A 209 3.35 -26.20 -33.74
N ILE A 210 2.04 -26.20 -34.01
CA ILE A 210 1.14 -25.04 -33.73
C ILE A 210 -0.07 -25.50 -32.93
N ASP A 211 -0.48 -24.75 -31.90
CA ASP A 211 -1.74 -25.03 -31.16
C ASP A 211 -2.40 -23.69 -30.87
N ARG A 212 -3.66 -23.77 -30.51
CA ARG A 212 -4.45 -22.72 -29.88
C ARG A 212 -4.34 -21.45 -30.71
N ILE A 213 -4.60 -21.59 -31.99
CA ILE A 213 -4.85 -20.46 -32.91
C ILE A 213 -6.16 -19.79 -32.48
N MET A 214 -6.10 -18.51 -32.11
CA MET A 214 -7.24 -17.85 -31.45
C MET A 214 -7.51 -16.44 -32.02
N PHE A 215 -8.80 -16.11 -32.09
CA PHE A 215 -9.38 -14.77 -32.39
C PHE A 215 -10.16 -14.36 -31.16
N SER A 216 -9.78 -13.23 -30.58
CA SER A 216 -10.30 -12.77 -29.28
C SER A 216 -10.25 -11.26 -29.26
N VAL A 217 -10.98 -10.71 -28.31
CA VAL A 217 -10.83 -9.29 -27.90
C VAL A 217 -9.92 -9.24 -26.68
N ASP A 218 -8.88 -8.41 -26.75
CA ASP A 218 -7.89 -8.22 -25.67
C ASP A 218 -7.76 -6.75 -25.24
N ASP A 219 -7.27 -6.60 -24.04
CA ASP A 219 -6.89 -5.29 -23.48
C ASP A 219 -5.88 -4.64 -24.41
N ALA A 220 -6.15 -3.44 -24.88
CA ALA A 220 -5.30 -2.81 -25.92
C ALA A 220 -3.91 -2.42 -25.35
N ARG A 221 -3.65 -2.63 -24.06
CA ARG A 221 -2.31 -2.32 -23.51
C ARG A 221 -1.32 -3.46 -23.69
N TYR A 222 -1.74 -4.68 -24.02
CA TYR A 222 -0.94 -5.87 -23.63
C TYR A 222 -0.72 -6.90 -24.74
N GLN A 223 -0.37 -6.41 -25.93
CA GLN A 223 0.39 -7.21 -26.93
C GLN A 223 1.79 -6.61 -27.04
N TRP A 224 2.76 -7.27 -26.41
CA TRP A 224 4.16 -6.80 -26.24
C TRP A 224 5.07 -7.46 -27.29
N SER A 225 5.95 -6.63 -27.83
CA SER A 225 7.08 -7.01 -28.70
C SER A 225 8.05 -7.94 -27.96
N ASP A 226 8.69 -8.79 -28.75
CA ASP A 226 9.74 -9.67 -28.21
C ASP A 226 10.69 -10.05 -29.35
N TYR A 227 11.55 -11.03 -29.09
CA TYR A 227 12.62 -11.41 -30.04
C TYR A 227 11.99 -12.14 -31.24
N GLN A 228 10.74 -12.57 -31.17
CA GLN A 228 9.98 -13.26 -32.27
C GLN A 228 9.10 -12.30 -33.10
N VAL A 229 8.37 -11.37 -32.47
CA VAL A 229 7.38 -10.44 -33.11
C VAL A 229 7.58 -8.99 -32.65
N LYS A 230 7.42 -8.06 -33.57
CA LYS A 230 7.43 -6.60 -33.29
C LYS A 230 5.98 -6.15 -33.24
N THR A 231 5.50 -5.64 -32.12
CA THR A 231 4.15 -5.00 -32.04
C THR A 231 4.38 -3.50 -31.87
N ARG A 232 3.31 -2.74 -31.77
CA ARG A 232 3.36 -1.28 -31.50
C ARG A 232 3.81 -1.04 -30.05
N LEU A 233 3.86 -2.06 -29.21
CA LEU A 233 4.15 -1.92 -27.77
C LEU A 233 5.42 -2.70 -27.43
N SER A 234 6.18 -2.14 -26.49
CA SER A 234 7.49 -2.67 -26.05
C SER A 234 7.77 -2.22 -24.61
N GLU A 235 8.18 -3.16 -23.79
CA GLU A 235 8.66 -2.96 -22.40
C GLU A 235 10.16 -3.13 -22.51
N PRO A 236 10.95 -2.03 -22.53
CA PRO A 236 12.40 -2.14 -22.74
C PRO A 236 13.12 -2.94 -21.63
N GLU A 237 14.23 -3.57 -21.99
CA GLU A 237 15.00 -4.45 -21.07
C GLU A 237 15.67 -3.61 -20.00
N ILE A 238 15.89 -4.27 -18.85
CA ILE A 238 16.68 -3.66 -17.76
C ILE A 238 18.05 -3.24 -18.29
N GLN A 239 18.52 -2.05 -17.86
CA GLN A 239 19.91 -1.56 -18.07
C GLN A 239 20.43 -1.21 -16.69
N PHE A 240 21.22 -2.08 -16.09
CA PHE A 240 21.64 -1.87 -14.70
C PHE A 240 22.60 -0.68 -14.62
N HIS A 241 22.27 0.18 -13.71
CA HIS A 241 23.18 1.23 -13.15
C HIS A 241 24.33 0.51 -12.46
N ASN A 242 25.45 1.19 -12.35
CA ASN A 242 26.65 0.69 -11.66
C ASN A 242 27.40 1.86 -10.99
N VAL A 243 27.61 1.79 -9.70
CA VAL A 243 28.27 2.78 -8.84
C VAL A 243 29.79 2.57 -8.85
N LYS A 244 30.51 3.70 -8.89
CA LYS A 244 31.98 3.66 -8.77
C LYS A 244 32.35 4.27 -7.42
N PRO A 245 33.46 3.83 -6.81
CA PRO A 245 34.32 2.76 -7.36
C PRO A 245 33.76 1.33 -7.17
N GLN A 246 34.18 0.38 -8.01
CA GLN A 246 33.74 -1.03 -7.92
C GLN A 246 34.45 -1.73 -6.75
N LEU A 247 33.75 -2.59 -6.01
CA LEU A 247 34.38 -3.53 -5.06
C LEU A 247 35.06 -4.61 -5.88
N PRO A 248 36.29 -5.00 -5.49
CA PRO A 248 36.94 -6.14 -6.13
C PRO A 248 36.39 -7.53 -5.77
N VAL A 249 36.52 -8.45 -6.69
CA VAL A 249 36.33 -9.87 -6.33
C VAL A 249 37.50 -10.25 -5.44
N THR A 250 37.21 -10.53 -4.18
CA THR A 250 38.15 -11.03 -3.17
C THR A 250 37.47 -12.13 -2.39
N PRO A 251 38.24 -13.00 -1.73
CA PRO A 251 37.60 -14.01 -0.86
C PRO A 251 36.60 -13.36 0.12
N GLU A 252 36.94 -12.25 0.75
CA GLU A 252 36.07 -11.54 1.74
C GLU A 252 34.79 -11.05 1.05
N ASN A 253 34.87 -10.38 -0.09
CA ASN A 253 33.65 -9.85 -0.79
C ASN A 253 32.84 -11.01 -1.36
N LEU A 254 33.44 -12.08 -1.84
CA LEU A 254 32.68 -13.28 -2.29
C LEU A 254 31.97 -13.98 -1.11
N ALA A 255 32.65 -14.08 0.00
CA ALA A 255 32.10 -14.70 1.23
C ALA A 255 30.89 -13.90 1.74
N ALA A 256 30.97 -12.58 1.68
CA ALA A 256 29.88 -11.65 2.08
C ALA A 256 28.66 -11.90 1.20
N ILE A 257 28.80 -12.00 -0.14
CA ILE A 257 27.73 -12.35 -1.09
C ILE A 257 27.11 -13.70 -0.74
N ASP A 258 27.90 -14.72 -0.43
CA ASP A 258 27.36 -16.07 -0.08
C ASP A 258 26.68 -16.02 1.30
N LEU A 259 27.14 -15.16 2.22
CA LEU A 259 26.50 -15.02 3.55
C LEU A 259 25.09 -14.43 3.34
N ILE A 260 24.97 -13.40 2.49
CA ILE A 260 23.69 -12.70 2.23
C ILE A 260 22.73 -13.70 1.60
N ARG A 261 23.22 -14.53 0.70
CA ARG A 261 22.34 -15.56 0.15
C ARG A 261 21.89 -16.48 1.30
N GLN A 262 22.83 -16.99 2.10
CA GLN A 262 22.43 -17.89 3.19
C GLN A 262 21.42 -17.19 4.11
N ARG A 263 21.65 -15.94 4.49
CA ARG A 263 20.74 -15.20 5.39
C ARG A 263 19.34 -15.16 4.79
N LEU A 264 19.20 -14.99 3.48
CA LEU A 264 17.90 -14.98 2.82
C LEU A 264 17.27 -16.37 2.94
N ILE A 265 18.03 -17.40 2.64
CA ILE A 265 17.52 -18.81 2.78
C ILE A 265 16.97 -18.95 4.20
N ASN A 266 17.73 -18.56 5.18
CA ASN A 266 17.33 -18.73 6.62
C ASN A 266 15.95 -18.07 6.88
N GLU A 267 15.72 -16.86 6.33
CA GLU A 267 14.43 -16.15 6.54
C GLU A 267 13.33 -16.99 5.89
N PHE A 268 13.53 -17.58 4.72
CA PHE A 268 12.47 -18.28 3.98
C PHE A 268 12.30 -19.74 4.41
N VAL A 269 13.21 -20.32 5.20
CA VAL A 269 13.01 -21.73 5.68
C VAL A 269 12.74 -21.76 7.19
N GLY A 270 12.92 -20.65 7.88
CA GLY A 270 12.74 -20.56 9.34
C GLY A 270 11.54 -19.72 9.70
N LYS A 273 7.21 -16.04 8.82
CA LYS A 273 5.80 -16.28 8.37
C LYS A 273 5.30 -15.14 7.45
N GLU A 274 5.23 -15.40 6.14
CA GLU A 274 5.14 -14.36 5.07
C GLU A 274 3.70 -14.11 4.63
N THR A 275 3.23 -12.87 4.59
CA THR A 275 1.89 -12.57 3.97
C THR A 275 1.99 -12.91 2.49
N ASN A 276 0.94 -13.42 1.86
CA ASN A 276 0.94 -13.61 0.39
C ASN A 276 1.84 -14.80 -0.01
N LEU A 277 2.29 -15.61 0.96
CA LEU A 277 2.94 -16.92 0.69
C LEU A 277 2.10 -18.09 1.22
N ALA A 278 1.53 -18.88 0.37
CA ALA A 278 0.68 -20.01 0.79
C ALA A 278 1.64 -21.17 1.14
N LEU A 279 2.25 -21.08 2.34
CA LEU A 279 3.25 -22.07 2.87
C LEU A 279 2.64 -23.46 2.86
N GLU A 280 3.33 -24.47 2.35
CA GLU A 280 2.92 -25.89 2.51
C GLU A 280 4.15 -26.75 2.89
N GLU A 281 4.15 -27.30 4.11
CA GLU A 281 5.32 -28.05 4.71
C GLU A 281 5.04 -29.55 4.63
N ASN A 282 3.79 -29.97 4.40
CA ASN A 282 3.53 -31.42 4.27
C ASN A 282 4.03 -31.93 2.90
N ILE A 283 5.06 -32.77 2.89
CA ILE A 283 5.68 -33.34 1.65
C ILE A 283 4.63 -34.12 0.88
N SER A 284 3.73 -34.83 1.60
CA SER A 284 2.69 -35.65 0.94
C SER A 284 1.90 -34.71 0.05
N LYS A 285 1.49 -33.56 0.57
CA LYS A 285 0.65 -32.59 -0.16
C LYS A 285 1.45 -32.05 -1.36
N LEU A 286 2.76 -31.76 -1.17
CA LEU A 286 3.64 -31.19 -2.25
C LEU A 286 3.73 -32.21 -3.38
N LYS A 287 3.99 -33.48 -3.07
CA LYS A 287 4.11 -34.55 -4.09
C LYS A 287 2.82 -34.73 -4.89
N SER A 288 1.70 -34.73 -4.17
CA SER A 288 0.33 -34.84 -4.71
C SER A 288 0.06 -33.63 -5.62
N ASP A 289 0.28 -32.38 -5.19
CA ASP A 289 0.10 -31.22 -6.10
C ASP A 289 1.04 -31.38 -7.30
N PHE A 290 2.29 -31.78 -7.15
CA PHE A 290 3.25 -31.89 -8.28
C PHE A 290 2.79 -32.95 -9.28
N ASP A 291 2.38 -34.12 -8.79
CA ASP A 291 2.04 -35.28 -9.66
C ASP A 291 0.87 -34.82 -10.55
N ALA A 292 -0.07 -34.06 -9.97
CA ALA A 292 -1.26 -33.54 -10.69
C ALA A 292 -0.89 -32.65 -11.90
N LEU A 293 0.37 -32.16 -12.02
CA LEU A 293 0.88 -31.31 -13.15
C LEU A 293 1.07 -32.15 -14.41
N ASN A 294 1.09 -33.48 -14.26
CA ASN A 294 1.30 -34.50 -15.33
C ASN A 294 2.44 -34.11 -16.25
N ILE A 295 3.57 -33.76 -15.66
CA ILE A 295 4.81 -33.45 -16.42
C ILE A 295 5.65 -34.70 -16.68
N HIS A 296 6.08 -34.82 -17.92
CA HIS A 296 6.89 -35.93 -18.48
C HIS A 296 7.91 -35.22 -19.37
N THR A 297 9.18 -35.55 -19.22
CA THR A 297 10.32 -35.25 -20.13
C THR A 297 10.09 -35.98 -21.45
N LEU A 298 10.41 -35.33 -22.57
CA LEU A 298 10.29 -35.89 -23.93
C LEU A 298 11.69 -36.24 -24.45
N ALA A 299 11.76 -37.26 -25.31
CA ALA A 299 13.00 -37.97 -25.69
C ALA A 299 14.05 -36.95 -26.21
N ASN A 300 13.80 -36.23 -27.30
CA ASN A 300 14.82 -35.31 -27.88
C ASN A 300 14.58 -33.87 -27.38
N GLY A 301 13.93 -33.71 -26.21
CA GLY A 301 13.93 -32.46 -25.43
C GLY A 301 12.54 -31.85 -25.21
N GLY A 302 12.43 -30.90 -24.25
CA GLY A 302 11.16 -30.29 -23.84
C GLY A 302 10.40 -31.21 -22.91
N THR A 303 9.21 -30.80 -22.54
CA THR A 303 8.31 -31.56 -21.67
C THR A 303 6.95 -31.61 -22.35
N GLN A 304 6.07 -32.47 -21.80
CA GLN A 304 4.61 -32.41 -21.90
C GLN A 304 4.08 -32.31 -20.48
N GLY A 305 3.04 -31.54 -20.31
CA GLY A 305 2.48 -31.23 -18.98
C GLY A 305 1.41 -30.19 -19.17
N ARG A 306 0.65 -29.94 -18.11
CA ARG A 306 -0.47 -28.96 -18.13
C ARG A 306 0.11 -27.58 -18.43
N HIS A 307 -0.57 -26.83 -19.32
CA HIS A 307 -0.18 -25.46 -19.75
C HIS A 307 -0.17 -24.49 -18.56
N LEU A 308 0.89 -23.65 -18.51
CA LEU A 308 1.07 -22.65 -17.45
C LEU A 308 0.57 -21.31 -17.98
N ILE A 309 -0.23 -20.61 -17.18
CA ILE A 309 -0.66 -19.25 -17.57
C ILE A 309 -0.71 -18.36 -16.34
N THR A 310 -0.41 -17.04 -16.49
CA THR A 310 -0.57 -16.13 -15.35
C THR A 310 -2.04 -15.72 -15.26
N ASP A 311 -2.41 -15.28 -14.07
CA ASP A 311 -3.70 -14.64 -13.74
C ASP A 311 -3.99 -13.51 -14.76
N LYS A 312 -3.01 -12.79 -15.32
CA LYS A 312 -3.27 -11.63 -16.25
C LYS A 312 -3.34 -12.10 -17.71
N GLN A 313 -2.55 -13.08 -18.09
CA GLN A 313 -2.56 -13.71 -19.42
C GLN A 313 -3.94 -14.26 -19.77
N ILE A 314 -4.72 -14.78 -18.81
CA ILE A 314 -6.05 -15.40 -19.11
C ILE A 314 -6.98 -14.40 -19.82
N ILE A 315 -6.81 -13.10 -19.62
CA ILE A 315 -7.72 -12.09 -20.21
C ILE A 315 -7.87 -12.24 -21.72
N ILE A 316 -6.80 -12.65 -22.40
CA ILE A 316 -6.72 -12.74 -23.88
C ILE A 316 -7.76 -13.74 -24.40
N TYR A 317 -8.19 -14.68 -23.57
CA TYR A 317 -9.21 -15.70 -23.92
C TYR A 317 -10.61 -15.14 -23.75
N GLN A 318 -10.77 -14.11 -22.91
CA GLN A 318 -12.06 -13.63 -22.34
C GLN A 318 -12.81 -14.81 -21.73
N PRO A 319 -12.29 -15.35 -20.62
CA PRO A 319 -12.76 -16.66 -20.15
C PRO A 319 -14.28 -16.71 -19.88
N GLU A 320 -14.86 -15.63 -19.34
CA GLU A 320 -16.31 -15.53 -18.99
C GLU A 320 -17.17 -15.74 -20.26
N ASN A 321 -16.62 -15.54 -21.45
CA ASN A 321 -17.39 -15.56 -22.72
C ASN A 321 -16.98 -16.78 -23.54
N LEU A 322 -16.13 -17.69 -23.03
CA LEU A 322 -15.70 -18.84 -23.87
C LEU A 322 -16.91 -19.75 -24.07
N ASN A 323 -17.02 -20.41 -25.20
CA ASN A 323 -17.98 -21.53 -25.37
C ASN A 323 -17.61 -22.62 -24.33
N SER A 324 -18.60 -23.43 -23.90
CA SER A 324 -18.48 -24.39 -22.76
C SER A 324 -17.38 -25.41 -23.05
N GLN A 325 -17.25 -25.77 -24.32
CA GLN A 325 -16.25 -26.71 -24.87
C GLN A 325 -14.83 -26.17 -24.64
N ASP A 326 -14.62 -24.86 -24.77
CA ASP A 326 -13.28 -24.22 -24.62
C ASP A 326 -13.02 -23.98 -23.13
N LYS A 327 -14.02 -23.51 -22.42
CA LYS A 327 -13.93 -23.27 -20.96
C LYS A 327 -13.41 -24.55 -20.28
N GLN A 328 -13.93 -25.71 -20.72
CA GLN A 328 -13.61 -26.99 -20.06
C GLN A 328 -12.11 -27.31 -20.28
N LEU A 329 -11.57 -27.04 -21.49
CA LEU A 329 -10.14 -27.20 -21.80
C LEU A 329 -9.31 -26.12 -21.08
N PHE A 330 -9.80 -24.88 -21.01
CA PHE A 330 -9.14 -23.71 -20.36
C PHE A 330 -8.99 -24.03 -18.87
N ASP A 331 -10.00 -24.72 -18.31
CA ASP A 331 -10.04 -25.10 -16.88
C ASP A 331 -8.91 -26.11 -16.56
N ASN A 332 -8.27 -26.74 -17.54
CA ASN A 332 -7.18 -27.70 -17.26
C ASN A 332 -5.84 -26.93 -17.13
N TYR A 333 -5.80 -25.65 -17.44
CA TYR A 333 -4.55 -24.82 -17.30
C TYR A 333 -4.11 -24.80 -15.84
N VAL A 334 -2.84 -24.49 -15.60
CA VAL A 334 -2.31 -24.21 -14.23
C VAL A 334 -2.00 -22.72 -14.11
N ILE A 335 -2.48 -22.06 -13.06
CA ILE A 335 -2.15 -20.63 -12.80
C ILE A 335 -0.70 -20.57 -12.30
N LEU A 336 0.11 -19.74 -12.95
CA LEU A 336 1.57 -19.64 -12.63
C LEU A 336 1.84 -19.40 -11.16
N GLY A 337 1.10 -18.48 -10.54
CA GLY A 337 1.28 -18.17 -9.11
C GLY A 337 1.25 -19.45 -8.29
N ASN A 338 0.35 -20.38 -8.67
CA ASN A 338 0.17 -21.60 -7.82
C ASN A 338 1.41 -22.43 -8.05
N TYR A 339 1.79 -22.55 -9.32
CA TYR A 339 2.95 -23.33 -9.79
C TYR A 339 4.23 -22.85 -9.08
N THR A 340 4.48 -21.56 -9.08
CA THR A 340 5.74 -21.02 -8.51
C THR A 340 5.69 -21.08 -6.99
N THR A 341 4.52 -20.93 -6.37
CA THR A 341 4.36 -21.14 -4.92
C THR A 341 4.77 -22.60 -4.65
N LEU A 342 4.34 -23.55 -5.49
CA LEU A 342 4.70 -24.98 -5.35
C LEU A 342 6.23 -25.14 -5.49
N MET A 343 6.82 -24.51 -6.50
CA MET A 343 8.30 -24.57 -6.69
C MET A 343 8.96 -24.10 -5.41
N PHE A 344 8.45 -23.03 -4.83
CA PHE A 344 9.07 -22.45 -3.62
C PHE A 344 8.89 -23.44 -2.42
N ASN A 345 7.68 -23.93 -2.17
CA ASN A 345 7.43 -24.90 -1.06
C ASN A 345 8.31 -26.17 -1.19
N ILE A 346 8.55 -26.66 -2.41
CA ILE A 346 9.44 -27.80 -2.66
C ILE A 346 10.86 -27.38 -2.26
N SER A 347 11.28 -26.19 -2.64
CA SER A 347 12.67 -25.71 -2.41
C SER A 347 12.93 -25.58 -0.90
N ARG A 348 11.94 -25.13 -0.12
CA ARG A 348 12.07 -25.01 1.34
C ARG A 348 12.12 -26.43 1.93
N ALA A 349 11.26 -27.32 1.46
CA ALA A 349 11.21 -28.71 1.93
C ALA A 349 12.58 -29.36 1.70
N TYR A 350 13.09 -29.20 0.48
CA TYR A 350 14.43 -29.69 0.03
C TYR A 350 15.55 -29.20 0.96
N VAL A 351 15.61 -27.90 1.28
CA VAL A 351 16.62 -27.34 2.23
C VAL A 351 16.45 -28.05 3.58
N LEU A 352 15.23 -28.22 4.10
CA LEU A 352 15.06 -28.78 5.46
C LEU A 352 15.13 -30.30 5.54
N GLU A 353 15.13 -31.00 4.42
CA GLU A 353 14.93 -32.48 4.38
C GLU A 353 16.19 -33.21 4.87
N LYS A 354 16.02 -34.04 5.90
CA LYS A 354 17.14 -34.85 6.49
C LYS A 354 17.23 -36.23 5.79
N ASP A 355 16.13 -36.78 5.27
CA ASP A 355 16.17 -38.12 4.62
C ASP A 355 16.78 -37.98 3.24
N PRO A 356 17.92 -38.61 2.91
CA PRO A 356 18.57 -38.34 1.63
C PRO A 356 17.71 -38.74 0.42
N THR A 357 16.95 -39.83 0.53
CA THR A 357 16.12 -40.28 -0.62
C THR A 357 15.05 -39.22 -0.91
N GLN A 358 14.28 -38.77 0.10
CA GLN A 358 13.22 -37.76 -0.08
C GLN A 358 13.87 -36.46 -0.56
N LYS A 359 15.02 -36.10 0.01
CA LYS A 359 15.72 -34.83 -0.36
C LYS A 359 16.00 -34.85 -1.86
N ALA A 360 16.48 -35.96 -2.37
CA ALA A 360 16.80 -36.14 -3.81
C ALA A 360 15.54 -36.01 -4.69
N GLN A 361 14.42 -36.57 -4.23
CA GLN A 361 13.14 -36.57 -4.96
C GLN A 361 12.71 -35.10 -5.02
N LEU A 362 12.77 -34.40 -3.89
CA LEU A 362 12.35 -32.95 -3.80
C LEU A 362 13.20 -32.12 -4.78
N LYS A 363 14.50 -32.37 -4.90
CA LYS A 363 15.33 -31.66 -5.94
C LYS A 363 14.86 -32.01 -7.35
N GLN A 364 14.56 -33.29 -7.60
CA GLN A 364 14.21 -33.72 -8.97
C GLN A 364 12.89 -33.03 -9.32
N MET A 365 11.94 -32.99 -8.40
CA MET A 365 10.63 -32.33 -8.62
C MET A 365 10.90 -30.85 -8.98
N TYR A 366 11.76 -30.16 -8.23
CA TYR A 366 12.03 -28.70 -8.47
C TYR A 366 12.66 -28.48 -9.84
N LEU A 367 13.57 -29.35 -10.25
CA LEU A 367 14.31 -29.17 -11.51
C LEU A 367 13.38 -29.52 -12.68
N LEU A 368 12.53 -30.56 -12.49
CA LEU A 368 11.53 -30.91 -13.56
C LEU A 368 10.54 -29.73 -13.69
N MET A 369 10.09 -29.13 -12.54
CA MET A 369 9.15 -27.98 -12.62
C MET A 369 9.86 -26.86 -13.38
N THR A 370 11.18 -26.70 -13.22
CA THR A 370 12.00 -25.61 -13.82
C THR A 370 12.09 -25.89 -15.31
N LYS A 371 12.31 -27.11 -15.69
CA LYS A 371 12.46 -27.50 -17.13
C LYS A 371 11.15 -27.27 -17.90
N HIS A 372 10.03 -27.62 -17.27
CA HIS A 372 8.66 -27.41 -17.79
C HIS A 372 8.40 -25.91 -17.96
N LEU A 373 8.74 -25.11 -16.94
CA LEU A 373 8.49 -23.66 -16.97
C LEU A 373 9.24 -23.03 -18.14
N LEU A 374 10.48 -23.42 -18.37
CA LEU A 374 11.32 -22.88 -19.45
C LEU A 374 10.80 -23.35 -20.81
N ASP A 375 10.41 -24.61 -20.95
CA ASP A 375 9.98 -25.14 -22.26
C ASP A 375 8.61 -24.52 -22.62
N GLN A 376 7.81 -24.15 -21.60
CA GLN A 376 6.47 -23.52 -21.75
C GLN A 376 6.61 -22.08 -22.24
N GLY A 377 7.85 -21.58 -22.34
CA GLY A 377 8.24 -20.33 -23.03
C GLY A 377 8.53 -19.18 -22.08
N PHE A 378 8.63 -19.44 -20.77
CA PHE A 378 9.03 -18.42 -19.76
C PHE A 378 10.56 -18.28 -19.80
N VAL A 379 11.05 -17.60 -20.82
CA VAL A 379 12.48 -17.51 -21.17
C VAL A 379 12.75 -16.10 -21.66
N LYS A 380 14.02 -15.74 -21.64
CA LYS A 380 14.48 -14.44 -22.16
C LYS A 380 13.92 -14.28 -23.56
N GLY A 381 13.47 -13.06 -23.88
CA GLY A 381 13.06 -12.63 -25.22
C GLY A 381 11.74 -13.24 -25.65
N SER A 382 11.02 -13.83 -24.71
CA SER A 382 9.68 -14.41 -24.94
C SER A 382 8.65 -13.60 -24.15
N ALA A 383 7.94 -12.67 -24.82
CA ALA A 383 6.90 -11.82 -24.18
C ALA A 383 5.71 -12.64 -23.66
N LEU A 384 5.39 -13.79 -24.30
CA LEU A 384 4.14 -14.55 -24.05
C LEU A 384 2.91 -13.63 -24.21
N VAL A 385 2.97 -12.78 -25.23
CA VAL A 385 2.06 -11.63 -25.48
C VAL A 385 2.16 -10.58 -24.34
N THR A 386 1.93 -10.91 -23.05
CA THR A 386 2.15 -10.01 -21.90
C THR A 386 2.49 -10.82 -20.65
N THR A 387 3.15 -10.19 -19.70
CA THR A 387 3.36 -10.73 -18.35
C THR A 387 3.15 -9.62 -17.33
N HIS A 388 2.23 -8.69 -17.60
CA HIS A 388 2.04 -7.55 -16.69
C HIS A 388 1.56 -8.04 -15.33
N HIS A 389 1.91 -7.29 -14.29
CA HIS A 389 1.70 -7.70 -12.88
C HIS A 389 2.51 -8.97 -12.65
N TRP A 390 3.72 -9.00 -13.23
CA TRP A 390 4.59 -10.21 -13.17
C TRP A 390 4.80 -10.74 -11.75
N GLY A 391 5.07 -9.87 -10.82
CA GLY A 391 5.35 -10.22 -9.40
C GLY A 391 4.30 -11.14 -8.83
N TYR A 392 3.01 -10.87 -9.01
CA TYR A 392 1.98 -11.76 -8.41
C TYR A 392 2.16 -13.21 -8.90
N SER A 393 2.70 -13.42 -10.09
CA SER A 393 2.81 -14.77 -10.68
C SER A 393 4.15 -15.41 -10.29
N SER A 394 5.16 -14.60 -9.93
CA SER A 394 6.55 -15.11 -9.91
C SER A 394 7.32 -14.80 -8.63
N ARG A 395 6.80 -14.00 -7.73
CA ARG A 395 7.53 -13.55 -6.51
C ARG A 395 8.23 -14.74 -5.86
N TRP A 396 7.60 -15.91 -5.76
CA TRP A 396 8.24 -17.01 -4.99
C TRP A 396 9.13 -17.85 -5.90
N TRP A 397 9.08 -17.70 -7.22
CA TRP A 397 10.11 -18.27 -8.11
C TRP A 397 11.47 -17.58 -7.82
N TYR A 398 11.50 -16.28 -7.88
CA TYR A 398 12.75 -15.56 -7.57
C TYR A 398 13.37 -16.16 -6.29
N ILE A 399 12.56 -16.30 -5.26
CA ILE A 399 13.10 -16.67 -3.93
C ILE A 399 13.58 -18.11 -3.98
N SER A 400 12.82 -18.98 -4.68
CA SER A 400 13.17 -20.41 -4.71
C SER A 400 14.57 -20.54 -5.33
N THR A 401 14.97 -19.63 -6.24
CA THR A 401 16.30 -19.74 -6.90
C THR A 401 17.46 -19.58 -5.89
N LEU A 402 17.28 -18.83 -4.82
CA LEU A 402 18.28 -18.71 -3.74
C LEU A 402 18.48 -20.07 -3.09
N LEU A 403 17.39 -20.75 -2.73
CA LEU A 403 17.42 -22.09 -2.08
C LEU A 403 17.99 -23.15 -3.04
N MET A 404 17.74 -23.01 -4.32
CA MET A 404 18.10 -24.06 -5.28
C MET A 404 19.31 -23.68 -6.12
N SER A 405 20.09 -22.69 -5.71
CA SER A 405 21.14 -22.02 -6.52
C SER A 405 22.20 -23.05 -6.93
N ASP A 406 22.64 -23.94 -6.03
CA ASP A 406 23.64 -25.02 -6.34
C ASP A 406 22.99 -26.08 -7.22
N ALA A 407 21.73 -26.40 -6.98
CA ALA A 407 21.06 -27.41 -7.81
C ALA A 407 20.96 -26.86 -9.24
N LEU A 408 20.64 -25.55 -9.42
CA LEU A 408 20.53 -24.93 -10.78
C LEU A 408 21.91 -24.90 -11.47
N LYS A 409 22.97 -24.54 -10.74
CA LYS A 409 24.40 -24.60 -11.21
C LYS A 409 24.72 -26.00 -11.74
N GLU A 410 24.55 -27.02 -10.91
CA GLU A 410 24.96 -28.40 -11.26
C GLU A 410 24.14 -28.87 -12.44
N ALA A 411 22.86 -28.51 -12.50
CA ALA A 411 21.98 -28.91 -13.61
C ALA A 411 22.21 -28.00 -14.81
N ASN A 412 23.04 -26.98 -14.72
CA ASN A 412 23.32 -26.15 -15.91
C ASN A 412 22.08 -25.30 -16.31
N LEU A 413 21.20 -24.93 -15.36
CA LEU A 413 19.99 -24.10 -15.62
C LEU A 413 20.18 -22.67 -15.09
N GLN A 414 21.20 -22.41 -14.32
CA GLN A 414 21.34 -21.08 -13.65
C GLN A 414 21.31 -19.95 -14.71
N THR A 415 22.07 -20.06 -15.80
CA THR A 415 22.09 -18.98 -16.82
C THR A 415 20.69 -18.81 -17.42
N GLN A 416 19.99 -19.90 -17.71
CA GLN A 416 18.69 -19.73 -18.38
C GLN A 416 17.66 -19.11 -17.43
N VAL A 417 17.68 -19.51 -16.14
CA VAL A 417 16.71 -19.00 -15.13
C VAL A 417 17.04 -17.53 -14.83
N TYR A 418 18.31 -17.16 -14.75
CA TYR A 418 18.72 -15.76 -14.56
C TYR A 418 18.25 -14.91 -15.74
N ASP A 419 18.54 -15.33 -16.97
CA ASP A 419 18.15 -14.62 -18.21
C ASP A 419 16.63 -14.44 -18.23
N SER A 420 15.89 -15.51 -17.87
CA SER A 420 14.40 -15.52 -17.87
C SER A 420 13.90 -14.48 -16.88
N LEU A 421 14.22 -14.65 -15.60
CA LEU A 421 13.80 -13.71 -14.52
C LEU A 421 14.22 -12.25 -14.80
N LEU A 422 15.40 -12.01 -15.37
CA LEU A 422 15.85 -10.64 -15.73
C LEU A 422 14.97 -10.06 -16.80
N TRP A 423 14.64 -10.87 -17.81
CA TRP A 423 13.76 -10.42 -18.90
C TRP A 423 12.38 -10.07 -18.39
N TYR A 424 11.75 -10.92 -17.59
CA TYR A 424 10.38 -10.63 -17.05
C TYR A 424 10.41 -9.49 -16.02
N SER A 425 11.54 -9.26 -15.40
CA SER A 425 11.68 -8.16 -14.40
C SER A 425 11.70 -6.81 -15.11
N ARG A 426 11.78 -6.78 -16.43
CA ARG A 426 11.86 -5.50 -17.18
C ARG A 426 10.61 -4.64 -16.94
N GLU A 427 9.52 -5.26 -16.57
CA GLU A 427 8.33 -4.53 -16.11
C GLU A 427 8.74 -3.55 -14.99
N PHE A 428 9.65 -3.97 -14.13
CA PHE A 428 10.09 -3.21 -12.92
C PHE A 428 11.34 -2.37 -13.18
N LYS A 429 11.61 -2.05 -14.41
CA LYS A 429 12.86 -1.38 -14.84
C LYS A 429 13.10 -0.13 -14.01
N SER A 430 12.07 0.63 -13.58
CA SER A 430 12.28 1.97 -12.97
C SER A 430 12.97 1.73 -11.62
N SER A 431 12.77 0.60 -10.95
CA SER A 431 13.51 0.28 -9.71
C SER A 431 14.68 -0.66 -10.01
N PHE A 432 14.48 -1.70 -10.87
CA PHE A 432 15.47 -2.77 -11.06
C PHE A 432 16.74 -2.18 -11.69
N ASP A 433 16.64 -1.09 -12.48
CA ASP A 433 17.87 -0.48 -13.05
C ASP A 433 18.78 0.11 -11.95
N MET A 434 18.21 0.40 -10.79
CA MET A 434 18.92 0.84 -9.58
C MET A 434 19.53 2.24 -9.74
N LYS A 435 18.93 3.10 -10.52
CA LYS A 435 19.32 4.55 -10.50
C LYS A 435 18.35 5.23 -9.55
N VAL A 436 18.84 5.87 -8.48
CA VAL A 436 17.94 6.54 -7.51
C VAL A 436 17.22 7.69 -8.22
N SER A 437 15.92 7.81 -8.05
CA SER A 437 15.06 8.87 -8.65
C SER A 437 14.04 9.25 -7.62
N ALA A 438 13.25 10.27 -7.91
CA ALA A 438 12.20 10.73 -6.98
C ALA A 438 11.21 9.61 -6.72
N ASP A 439 11.08 8.59 -7.59
CA ASP A 439 10.11 7.50 -7.40
C ASP A 439 10.73 6.29 -6.68
N SER A 440 12.01 6.30 -6.33
CA SER A 440 12.67 5.08 -5.85
C SER A 440 12.18 4.63 -4.47
N SER A 441 11.57 5.53 -3.68
CA SER A 441 11.16 5.24 -2.28
C SER A 441 9.77 4.58 -2.20
N ASP A 442 9.25 4.12 -3.32
CA ASP A 442 8.04 3.29 -3.56
C ASP A 442 7.84 2.30 -2.42
N LEU A 443 6.76 2.43 -1.65
CA LEU A 443 6.56 1.55 -0.50
C LEU A 443 6.01 0.20 -0.98
N ASP A 444 5.43 0.13 -2.15
CA ASP A 444 4.96 -1.19 -2.65
C ASP A 444 6.21 -2.04 -2.98
N TYR A 445 7.17 -1.47 -3.72
CA TYR A 445 8.47 -2.15 -3.99
C TYR A 445 9.03 -2.75 -2.71
N PHE A 446 9.19 -1.96 -1.60
CA PHE A 446 9.76 -2.48 -0.36
C PHE A 446 8.99 -3.76 0.10
N ASN A 447 7.68 -3.76 0.05
CA ASN A 447 6.82 -4.93 0.39
C ASN A 447 7.06 -6.05 -0.64
N THR A 448 6.72 -5.84 -1.89
CA THR A 448 6.42 -6.98 -2.79
C THR A 448 7.63 -7.37 -3.69
N LEU A 449 8.68 -6.53 -3.83
CA LEU A 449 9.69 -6.75 -4.90
C LEU A 449 11.13 -6.71 -4.37
N SER A 450 11.44 -6.03 -3.26
CA SER A 450 12.84 -5.74 -2.88
C SER A 450 13.66 -7.01 -2.69
N ARG A 451 13.11 -8.03 -2.03
CA ARG A 451 13.87 -9.27 -1.74
C ARG A 451 13.99 -10.04 -3.06
N GLN A 452 13.03 -9.86 -3.90
CA GLN A 452 13.00 -10.54 -5.25
C GLN A 452 14.12 -9.93 -6.12
N HIS A 453 14.27 -8.63 -6.00
CA HIS A 453 15.29 -7.88 -6.77
C HIS A 453 16.67 -8.42 -6.30
N LEU A 454 16.87 -8.48 -5.00
CA LEU A 454 18.15 -8.98 -4.45
C LEU A 454 18.40 -10.39 -4.94
N ALA A 455 17.40 -11.25 -4.85
CA ALA A 455 17.51 -12.66 -5.30
C ALA A 455 17.98 -12.74 -6.76
N LEU A 456 17.42 -11.92 -7.63
CA LEU A 456 17.77 -11.85 -9.06
C LEU A 456 19.26 -11.51 -9.12
N LEU A 457 19.69 -10.45 -8.39
CA LEU A 457 21.10 -10.04 -8.53
C LEU A 457 22.03 -11.18 -8.10
N LEU A 458 21.69 -11.84 -7.01
CA LEU A 458 22.53 -12.89 -6.43
C LEU A 458 22.59 -14.06 -7.43
N LEU A 459 21.66 -14.19 -8.37
CA LEU A 459 21.63 -15.31 -9.34
C LEU A 459 22.54 -15.00 -10.54
N GLU A 460 23.11 -13.80 -10.60
CA GLU A 460 24.02 -13.40 -11.72
C GLU A 460 25.21 -14.37 -11.70
N PRO A 461 25.51 -15.05 -12.82
CA PRO A 461 26.61 -16.03 -12.86
C PRO A 461 28.05 -15.50 -12.75
N ASP A 462 28.38 -14.32 -13.24
CA ASP A 462 29.76 -13.79 -13.16
C ASP A 462 29.98 -13.15 -11.77
N ASP A 463 31.09 -13.43 -11.12
CA ASP A 463 31.36 -12.97 -9.74
C ASP A 463 31.52 -11.45 -9.69
N GLN A 464 32.31 -10.90 -10.60
CA GLN A 464 32.58 -9.45 -10.59
C GLN A 464 31.24 -8.77 -10.86
N LYS A 465 30.49 -9.19 -11.87
CA LYS A 465 29.20 -8.50 -12.18
C LYS A 465 28.24 -8.63 -10.97
N ARG A 466 28.20 -9.78 -10.32
CA ARG A 466 27.36 -10.00 -9.13
C ARG A 466 27.75 -8.99 -8.04
N ILE A 467 29.02 -8.88 -7.75
CA ILE A 467 29.42 -7.94 -6.70
C ILE A 467 29.04 -6.51 -7.15
N ASN A 468 29.29 -6.13 -8.41
CA ASN A 468 28.89 -4.78 -8.89
C ASN A 468 27.39 -4.56 -8.65
N LEU A 469 26.55 -5.55 -8.97
CA LEU A 469 25.09 -5.46 -8.87
C LEU A 469 24.68 -5.28 -7.41
N VAL A 470 25.27 -6.05 -6.50
CA VAL A 470 24.84 -5.97 -5.07
C VAL A 470 25.42 -4.72 -4.44
N ASN A 471 26.63 -4.29 -4.83
CA ASN A 471 27.15 -2.98 -4.37
C ASN A 471 26.22 -1.84 -4.82
N THR A 472 25.83 -1.83 -6.08
CA THR A 472 24.87 -0.84 -6.60
C THR A 472 23.53 -0.95 -5.88
N PHE A 473 23.02 -2.17 -5.66
CA PHE A 473 21.78 -2.41 -4.90
C PHE A 473 21.85 -1.76 -3.50
N SER A 474 22.95 -1.94 -2.81
CA SER A 474 23.14 -1.36 -1.47
C SER A 474 23.05 0.20 -1.52
N HIS A 475 23.75 0.82 -2.48
CA HIS A 475 23.66 2.28 -2.69
C HIS A 475 22.21 2.68 -3.00
N TYR A 476 21.51 1.93 -3.84
CA TYR A 476 20.12 2.23 -4.28
C TYR A 476 19.20 2.26 -3.06
N ILE A 477 19.26 1.20 -2.26
CA ILE A 477 18.42 1.08 -1.05
C ILE A 477 18.78 2.20 -0.05
N THR A 478 20.04 2.50 0.11
CA THR A 478 20.47 3.61 1.02
C THR A 478 19.81 4.90 0.56
N GLY A 479 19.87 5.22 -0.73
CA GLY A 479 19.30 6.48 -1.27
C GLY A 479 17.79 6.43 -1.13
N ALA A 480 17.19 5.30 -1.46
CA ALA A 480 15.72 5.16 -1.38
C ALA A 480 15.27 5.45 0.07
N LEU A 481 15.98 4.90 1.02
CA LEU A 481 15.59 5.05 2.45
C LEU A 481 16.08 6.36 3.06
N THR A 482 16.88 7.13 2.36
CA THR A 482 17.45 8.39 2.94
C THR A 482 16.70 9.63 2.39
N GLN A 483 16.53 9.68 1.09
CA GLN A 483 16.07 10.88 0.36
C GLN A 483 14.71 11.28 0.90
N VAL A 484 14.42 12.57 0.83
CA VAL A 484 13.05 13.10 1.10
C VAL A 484 12.42 13.29 -0.24
N PRO A 485 11.54 12.35 -0.68
CA PRO A 485 10.97 12.53 -1.99
C PRO A 485 10.17 13.81 -2.04
N PRO A 486 10.14 14.44 -3.23
CA PRO A 486 9.38 15.66 -3.42
C PRO A 486 7.88 15.41 -3.48
N GLY A 487 7.17 16.43 -3.01
CA GLY A 487 5.72 16.49 -3.12
C GLY A 487 5.11 15.28 -2.44
N GLY A 488 4.20 14.59 -3.12
CA GLY A 488 3.47 13.46 -2.49
C GLY A 488 4.04 12.10 -2.89
N LYS A 489 5.22 12.03 -3.50
CA LYS A 489 5.84 10.76 -3.97
C LYS A 489 5.97 9.84 -2.76
N ASP A 490 5.89 8.56 -3.01
CA ASP A 490 6.08 7.54 -1.93
C ASP A 490 7.37 7.77 -1.17
N GLY A 491 7.34 7.53 0.14
CA GLY A 491 8.51 7.12 0.91
C GLY A 491 8.49 7.76 2.28
N LEU A 492 9.59 7.63 2.98
CA LEU A 492 9.66 8.11 4.39
C LEU A 492 9.67 9.62 4.36
N ARG A 493 9.35 10.24 5.49
CA ARG A 493 9.40 11.73 5.59
C ARG A 493 10.12 12.15 6.87
N PRO A 494 10.53 13.41 6.98
CA PRO A 494 11.35 13.80 8.14
C PRO A 494 10.68 13.91 9.50
N ASP A 495 9.36 13.83 9.53
CA ASP A 495 8.65 13.74 10.83
C ASP A 495 8.36 12.27 11.21
N GLY A 496 8.84 11.31 10.43
CA GLY A 496 8.56 9.90 10.66
C GLY A 496 7.31 9.37 9.97
N THR A 497 6.55 10.20 9.23
CA THR A 497 5.41 9.68 8.42
C THR A 497 6.03 8.91 7.25
N ALA A 498 5.21 8.11 6.55
CA ALA A 498 5.67 7.27 5.44
C ALA A 498 4.51 7.14 4.43
N TRP A 499 4.74 7.58 3.20
CA TRP A 499 3.68 7.96 2.29
C TRP A 499 3.55 6.93 1.15
N ARG A 500 2.30 6.68 0.83
CA ARG A 500 1.92 6.01 -0.43
C ARG A 500 0.57 6.58 -0.83
N HIS A 501 0.18 6.53 -2.10
CA HIS A 501 -1.06 7.24 -2.54
C HIS A 501 -1.01 8.69 -2.05
N GLU A 502 0.18 9.32 -2.06
CA GLU A 502 0.33 10.78 -1.85
C GLU A 502 -0.14 11.18 -0.45
N GLY A 503 0.03 10.32 0.54
CA GLY A 503 -0.10 10.70 1.95
C GLY A 503 0.41 9.64 2.89
N ASN A 504 0.54 10.03 4.13
CA ASN A 504 0.91 9.08 5.19
C ASN A 504 -0.09 7.91 5.18
N TYR A 505 0.39 6.71 5.22
CA TYR A 505 -0.48 5.54 4.91
C TYR A 505 0.02 4.28 5.59
N PRO A 506 -0.28 4.05 6.90
CA PRO A 506 0.21 2.85 7.60
C PRO A 506 -0.08 1.50 6.90
N GLY A 507 -1.22 1.43 6.26
CA GLY A 507 -1.66 0.19 5.60
C GLY A 507 -0.62 -0.25 4.56
N TYR A 508 0.02 0.70 3.90
CA TYR A 508 1.18 0.43 3.00
C TYR A 508 2.51 0.55 3.69
N SER A 509 2.74 1.47 4.65
CA SER A 509 4.08 1.63 5.22
C SER A 509 4.47 0.45 6.10
N PHE A 510 3.53 -0.14 6.83
CA PHE A 510 3.83 -1.22 7.79
C PHE A 510 4.49 -2.39 7.07
N PRO A 511 3.93 -2.99 5.98
CA PRO A 511 4.67 -4.03 5.30
C PRO A 511 6.02 -3.59 4.72
N ALA A 512 6.14 -2.36 4.23
CA ALA A 512 7.41 -1.77 3.78
C ALA A 512 8.43 -1.69 4.91
N PHE A 513 8.01 -1.34 6.12
CA PHE A 513 8.95 -1.29 7.25
C PHE A 513 9.46 -2.68 7.56
N LYS A 514 8.56 -3.68 7.55
CA LYS A 514 8.96 -5.06 7.85
C LYS A 514 10.10 -5.47 6.91
N ASN A 515 9.89 -5.30 5.61
CA ASN A 515 10.78 -5.90 4.57
C ASN A 515 11.99 -4.97 4.39
N ALA A 516 11.85 -3.68 4.50
CA ALA A 516 13.03 -2.75 4.49
C ALA A 516 13.96 -3.04 5.68
N SER A 517 13.42 -3.32 6.87
CA SER A 517 14.27 -3.66 8.04
C SER A 517 14.98 -4.97 7.70
N GLN A 518 14.23 -5.95 7.22
CA GLN A 518 14.79 -7.27 6.86
C GLN A 518 15.92 -7.13 5.84
N LEU A 519 15.74 -6.35 4.80
CA LEU A 519 16.84 -6.09 3.84
C LEU A 519 18.07 -5.52 4.51
N ILE A 520 17.94 -4.48 5.31
CA ILE A 520 19.10 -3.91 6.04
C ILE A 520 19.77 -5.03 6.87
N TYR A 521 18.96 -5.89 7.50
CA TYR A 521 19.50 -6.97 8.36
C TYR A 521 20.22 -8.00 7.48
N LEU A 522 19.64 -8.40 6.35
CA LEU A 522 20.32 -9.35 5.43
C LEU A 522 21.71 -8.84 4.99
N LEU A 523 21.92 -7.52 4.88
CA LEU A 523 23.16 -6.92 4.32
C LEU A 523 24.10 -6.49 5.45
N ARG A 524 23.70 -6.68 6.70
CA ARG A 524 24.39 -6.07 7.84
C ARG A 524 25.81 -6.65 7.99
N ASP A 525 26.72 -5.79 8.38
CA ASP A 525 28.09 -6.18 8.80
C ASP A 525 28.81 -6.80 7.64
N THR A 526 28.58 -6.27 6.45
CA THR A 526 29.26 -6.72 5.23
C THR A 526 29.68 -5.48 4.46
N PRO A 527 30.53 -5.60 3.41
CA PRO A 527 30.79 -4.47 2.50
C PRO A 527 29.56 -3.98 1.72
N PHE A 528 28.41 -4.69 1.82
CA PHE A 528 27.15 -4.34 1.14
C PHE A 528 26.11 -3.75 2.10
N SER A 529 26.49 -3.45 3.33
CA SER A 529 25.55 -2.96 4.37
C SER A 529 24.91 -1.65 3.88
N VAL A 530 23.67 -1.43 4.26
CA VAL A 530 22.96 -0.14 4.02
C VAL A 530 23.56 1.00 4.82
N GLY A 531 23.74 2.16 4.18
CA GLY A 531 24.30 3.34 4.86
C GLY A 531 23.52 3.70 6.11
N GLU A 532 24.23 4.29 7.09
CA GLU A 532 23.65 4.62 8.42
C GLU A 532 22.54 5.64 8.19
N SER A 533 22.65 6.50 7.16
CA SER A 533 21.57 7.50 6.87
C SER A 533 20.22 6.77 6.62
N GLY A 534 20.21 5.66 5.89
CA GLY A 534 18.99 4.90 5.59
C GLY A 534 18.51 4.25 6.87
N TRP A 535 19.42 3.65 7.64
CA TRP A 535 19.09 3.02 8.96
C TRP A 535 18.42 4.04 9.86
N ASN A 536 19.01 5.23 9.99
CA ASN A 536 18.52 6.28 10.87
C ASN A 536 17.09 6.68 10.45
N ASN A 537 16.87 6.87 9.13
CA ASN A 537 15.59 7.44 8.66
C ASN A 537 14.49 6.37 8.92
N LEU A 538 14.81 5.13 8.67
CA LEU A 538 13.88 4.02 8.92
C LEU A 538 13.61 3.91 10.42
N LYS A 539 14.64 4.07 11.24
CA LYS A 539 14.42 4.02 12.71
C LYS A 539 13.38 5.08 13.08
N LYS A 540 13.55 6.31 12.60
CA LYS A 540 12.60 7.37 12.95
C LYS A 540 11.19 6.94 12.55
N ALA A 541 10.97 6.42 11.33
CA ALA A 541 9.62 6.02 10.88
C ALA A 541 9.08 4.89 11.77
N MET A 542 9.92 3.93 12.17
CA MET A 542 9.43 2.77 12.94
C MET A 542 9.20 3.12 14.42
N VAL A 543 10.01 3.99 15.00
CA VAL A 543 9.73 4.49 16.35
C VAL A 543 8.44 5.30 16.26
N SER A 544 8.25 6.06 15.17
CA SER A 544 6.99 6.86 15.02
C SER A 544 5.79 5.91 15.05
N ALA A 545 5.84 4.82 14.28
CA ALA A 545 4.72 3.86 14.16
C ALA A 545 4.40 3.27 15.53
N TRP A 546 5.40 2.98 16.34
CA TRP A 546 5.23 2.53 17.74
C TRP A 546 4.45 3.59 18.54
N ILE A 547 4.77 4.84 18.36
CA ILE A 547 4.02 5.92 19.04
C ILE A 547 2.58 6.03 18.53
N TYR A 548 2.27 5.91 17.22
CA TYR A 548 0.91 6.15 16.69
C TYR A 548 0.09 4.89 16.56
N SER A 549 0.48 3.80 17.18
CA SER A 549 -0.31 2.55 17.11
C SER A 549 -0.48 2.02 18.54
N ASN A 550 -1.54 1.26 18.85
CA ASN A 550 -1.68 0.84 20.26
C ASN A 550 -2.43 -0.47 20.41
N PRO A 551 -2.11 -1.61 19.76
CA PRO A 551 -1.05 -1.75 18.78
C PRO A 551 -1.56 -1.49 17.35
N GLU A 552 -2.87 -1.33 17.15
CA GLU A 552 -3.42 -0.92 15.82
C GLU A 552 -3.36 0.61 15.67
N VAL A 553 -3.14 1.14 14.47
CA VAL A 553 -3.29 2.59 14.22
C VAL A 553 -4.79 2.94 14.39
N GLY A 554 -5.05 4.14 14.88
CA GLY A 554 -6.44 4.58 15.12
C GLY A 554 -7.26 4.57 13.85
N LEU A 555 -8.55 4.70 14.01
CA LEU A 555 -9.51 4.91 12.90
C LEU A 555 -9.06 6.04 11.98
N PRO A 556 -8.54 7.16 12.48
CA PRO A 556 -8.17 8.26 11.56
C PRO A 556 -7.00 7.89 10.65
N LEU A 557 -6.17 6.91 11.07
CA LEU A 557 -4.98 6.49 10.28
C LEU A 557 -5.30 5.20 9.47
N ALA A 558 -6.57 4.77 9.42
CA ALA A 558 -6.93 3.45 8.79
C ALA A 558 -6.92 3.50 7.25
N GLY A 559 -6.67 4.66 6.69
CA GLY A 559 -6.85 4.89 5.26
C GLY A 559 -8.23 4.44 4.78
N ARG A 560 -8.27 3.73 3.66
CA ARG A 560 -9.57 3.28 3.09
C ARG A 560 -10.12 2.02 3.77
N HIS A 561 -9.54 1.60 4.89
CA HIS A 561 -9.86 0.37 5.65
C HIS A 561 -10.23 0.67 7.10
N PRO A 562 -11.26 1.50 7.33
CA PRO A 562 -11.74 1.75 8.67
C PRO A 562 -12.21 0.45 9.31
N PHE A 563 -11.85 0.26 10.58
CA PHE A 563 -12.20 -0.99 11.31
C PHE A 563 -11.39 -2.23 10.85
N ASN A 564 -10.35 -2.03 10.05
CA ASN A 564 -9.34 -3.06 9.70
C ASN A 564 -7.97 -2.37 9.63
N SER A 565 -7.65 -1.65 10.72
CA SER A 565 -6.38 -0.92 10.87
C SER A 565 -5.25 -1.91 10.78
N PRO A 566 -4.12 -1.54 10.19
CA PRO A 566 -2.91 -2.35 10.36
C PRO A 566 -2.45 -2.33 11.83
N SER A 567 -1.78 -3.38 12.24
CA SER A 567 -1.31 -3.59 13.61
C SER A 567 0.20 -3.64 13.55
N LEU A 568 0.84 -3.04 14.53
CA LEU A 568 2.30 -3.16 14.70
C LEU A 568 2.69 -4.62 14.95
N LYS A 569 1.75 -5.46 15.41
CA LYS A 569 2.07 -6.89 15.61
C LYS A 569 2.58 -7.48 14.31
N SER A 570 2.07 -7.11 13.15
CA SER A 570 2.52 -7.62 11.84
C SER A 570 3.94 -7.13 11.49
N VAL A 571 4.46 -6.12 12.16
CA VAL A 571 5.76 -5.48 11.80
C VAL A 571 6.78 -5.91 12.86
N ALA A 572 6.40 -6.73 13.87
CA ALA A 572 7.21 -6.98 15.08
C ALA A 572 8.66 -7.32 14.71
N GLN A 573 8.83 -8.29 13.83
CA GLN A 573 10.15 -8.86 13.47
C GLN A 573 11.01 -7.75 12.91
N GLY A 574 10.39 -6.77 12.26
CA GLY A 574 11.18 -5.67 11.67
C GLY A 574 11.95 -4.94 12.75
N TYR A 575 11.37 -4.88 13.94
CA TYR A 575 12.04 -4.17 15.06
C TYR A 575 13.29 -4.93 15.48
N TYR A 576 13.22 -6.24 15.54
CA TYR A 576 14.38 -7.07 15.89
C TYR A 576 15.47 -6.91 14.81
N TRP A 577 15.04 -6.96 13.57
CA TRP A 577 15.97 -6.85 12.41
C TRP A 577 16.66 -5.51 12.41
N LEU A 578 15.93 -4.43 12.60
CA LEU A 578 16.54 -3.09 12.61
C LEU A 578 17.42 -2.94 13.85
N ALA A 579 16.98 -3.49 15.01
CA ALA A 579 17.77 -3.39 16.25
C ALA A 579 19.12 -4.10 16.02
N MET A 580 19.09 -5.24 15.33
CA MET A 580 20.30 -6.10 15.28
C MET A 580 21.19 -5.63 14.11
N SER A 581 20.75 -4.68 13.30
CA SER A 581 21.53 -4.20 12.13
C SER A 581 22.07 -2.80 12.41
N ALA A 582 21.98 -2.31 13.62
CA ALA A 582 22.58 -1.03 14.00
C ALA A 582 24.11 -1.09 13.89
N LYS A 583 24.69 0.06 13.65
CA LYS A 583 26.17 0.13 13.62
C LYS A 583 26.75 -0.36 14.95
N SER A 584 26.18 0.06 16.08
CA SER A 584 26.46 -0.49 17.41
C SER A 584 25.24 -1.31 17.92
N SER A 585 25.22 -2.58 17.53
CA SER A 585 24.07 -3.49 17.70
C SER A 585 24.17 -4.06 19.10
N PRO A 586 23.05 -4.33 19.78
CA PRO A 586 21.72 -3.95 19.33
C PRO A 586 21.36 -2.52 19.74
N ASP A 587 20.55 -1.90 18.91
CA ASP A 587 19.91 -0.61 19.26
C ASP A 587 18.92 -0.88 20.40
N LYS A 588 19.21 -0.42 21.61
CA LYS A 588 18.39 -0.75 22.79
C LYS A 588 16.95 -0.23 22.60
N THR A 589 16.74 0.90 21.95
CA THR A 589 15.37 1.42 21.79
C THR A 589 14.54 0.45 20.93
N LEU A 590 15.01 0.14 19.75
CA LEU A 590 14.29 -0.79 18.87
C LEU A 590 14.17 -2.19 19.48
N ALA A 591 15.18 -2.70 20.19
CA ALA A 591 15.10 -3.98 20.87
C ALA A 591 13.97 -3.93 21.93
N SER A 592 13.90 -2.88 22.70
CA SER A 592 12.91 -2.70 23.79
C SER A 592 11.52 -2.68 23.20
N ILE A 593 11.35 -2.12 22.00
CA ILE A 593 10.04 -2.08 21.31
C ILE A 593 9.69 -3.48 20.77
N TYR A 594 10.67 -4.20 20.20
CA TYR A 594 10.42 -5.56 19.70
C TYR A 594 9.87 -6.41 20.85
N LEU A 595 10.54 -6.31 22.01
CA LEU A 595 10.06 -7.16 23.14
C LEU A 595 8.64 -6.77 23.55
N ALA A 596 8.32 -5.45 23.70
CA ALA A 596 6.94 -5.03 24.01
C ALA A 596 5.91 -5.57 22.98
N ILE A 597 6.13 -5.31 21.68
CA ILE A 597 5.11 -5.61 20.67
CA ILE A 597 5.18 -5.65 20.59
C ILE A 597 4.95 -7.15 20.59
N SER A 598 6.01 -7.93 20.86
CA SER A 598 5.98 -9.38 20.66
C SER A 598 5.63 -10.02 22.00
N ASP A 599 5.38 -9.22 23.06
CA ASP A 599 4.98 -9.76 24.36
C ASP A 599 6.06 -10.68 24.91
N LYS A 600 7.31 -10.27 24.82
CA LYS A 600 8.43 -11.04 25.40
C LYS A 600 8.90 -10.29 26.63
N THR A 601 9.38 -11.06 27.60
CA THR A 601 9.83 -10.59 28.94
C THR A 601 11.28 -10.12 28.86
N GLN A 602 11.66 -9.34 29.87
CA GLN A 602 13.08 -9.09 30.10
C GLN A 602 13.86 -10.41 30.23
N ASN A 603 13.30 -11.43 30.86
CA ASN A 603 14.03 -12.71 31.04
C ASN A 603 14.43 -13.30 29.67
N GLU A 604 13.60 -13.07 28.68
CA GLU A 604 13.75 -13.57 27.29
C GLU A 604 14.78 -12.73 26.54
N SER A 605 15.14 -11.56 27.02
CA SER A 605 15.93 -10.60 26.21
C SER A 605 17.36 -11.09 25.91
N THR A 606 18.06 -11.72 26.86
CA THR A 606 19.50 -12.04 26.71
C THR A 606 19.68 -12.98 25.54
N ALA A 607 18.83 -13.99 25.43
CA ALA A 607 18.98 -15.00 24.37
C ALA A 607 18.78 -14.29 23.02
N ILE A 608 17.99 -13.21 22.95
CA ILE A 608 17.56 -12.63 21.65
C ILE A 608 18.58 -11.59 21.22
N PHE A 609 19.02 -10.77 22.15
CA PHE A 609 19.80 -9.57 21.82
C PHE A 609 21.22 -9.69 22.34
N GLY A 610 21.50 -10.67 23.20
CA GLY A 610 22.83 -10.90 23.72
C GLY A 610 23.13 -9.95 24.89
N GLU A 611 22.10 -9.30 25.43
CA GLU A 611 22.19 -8.54 26.69
C GLU A 611 20.77 -8.39 27.24
N THR A 612 20.65 -8.05 28.52
CA THR A 612 19.36 -7.86 29.22
C THR A 612 18.78 -6.52 28.77
N ILE A 613 17.58 -6.56 28.24
CA ILE A 613 16.88 -5.34 27.75
C ILE A 613 15.49 -5.37 28.32
N THR A 614 15.07 -4.32 29.01
CA THR A 614 13.69 -4.23 29.51
C THR A 614 12.72 -3.92 28.38
N PRO A 615 11.62 -4.70 28.24
CA PRO A 615 10.59 -4.37 27.25
C PRO A 615 10.11 -2.92 27.39
N ALA A 616 9.94 -2.25 26.27
CA ALA A 616 9.65 -0.80 26.30
C ALA A 616 8.30 -0.62 27.03
N SER A 617 8.17 0.40 27.87
CA SER A 617 6.85 0.82 28.38
C SER A 617 6.17 1.65 27.28
N LEU A 618 4.84 1.77 27.36
CA LEU A 618 4.10 2.53 26.28
C LEU A 618 4.64 3.94 26.28
N PRO A 619 4.86 4.57 25.12
CA PRO A 619 5.35 5.92 25.08
C PRO A 619 4.31 6.84 25.71
N GLN A 620 4.81 7.89 26.34
CA GLN A 620 4.05 8.94 27.10
C GLN A 620 4.35 10.34 26.53
N GLY A 621 3.35 11.21 26.45
CA GLY A 621 3.49 12.60 26.06
C GLY A 621 2.80 12.87 24.75
N PHE A 622 3.31 13.85 24.04
CA PHE A 622 2.64 14.36 22.85
C PHE A 622 3.65 14.36 21.72
N TYR A 623 3.16 13.91 20.59
CA TYR A 623 3.97 13.80 19.34
C TYR A 623 3.19 14.31 18.11
N ALA A 624 3.76 15.28 17.40
CA ALA A 624 3.16 15.94 16.21
C ALA A 624 3.58 15.23 14.92
N PHE A 625 2.64 14.91 14.06
CA PHE A 625 2.90 14.21 12.77
C PHE A 625 2.15 14.93 11.64
N ASN A 626 2.62 16.12 11.27
CA ASN A 626 1.94 16.98 10.29
C ASN A 626 1.99 16.34 8.89
N GLY A 627 2.85 15.35 8.63
CA GLY A 627 2.78 14.52 7.41
C GLY A 627 1.39 13.97 7.17
N GLY A 628 0.63 13.73 8.24
CA GLY A 628 -0.80 13.41 8.07
C GLY A 628 -1.76 14.33 8.81
N ALA A 629 -1.28 15.55 9.18
CA ALA A 629 -2.05 16.56 9.88
C ALA A 629 -2.65 15.89 11.10
N PHE A 630 -1.83 15.06 11.79
CA PHE A 630 -2.27 14.47 13.07
C PHE A 630 -1.25 14.73 14.19
N GLY A 631 -1.69 14.35 15.38
CA GLY A 631 -0.86 14.24 16.54
C GLY A 631 -1.35 13.11 17.43
N ILE A 632 -0.50 12.63 18.27
CA ILE A 632 -0.76 11.56 19.25
C ILE A 632 -0.50 12.08 20.64
N HIS A 633 -1.49 11.93 21.51
CA HIS A 633 -1.35 12.21 22.95
C HIS A 633 -1.37 10.85 23.66
N ARG A 634 -0.40 10.57 24.50
CA ARG A 634 -0.31 9.27 25.20
C ARG A 634 -0.26 9.56 26.69
N TRP A 635 -1.06 8.79 27.41
CA TRP A 635 -1.07 8.89 28.90
C TRP A 635 -1.47 7.50 29.40
N GLN A 636 -0.65 6.91 30.25
CA GLN A 636 -0.79 5.52 30.80
C GLN A 636 -0.96 4.60 29.57
N ASP A 637 -2.00 3.81 29.49
CA ASP A 637 -2.13 2.87 28.35
C ASP A 637 -3.00 3.40 27.18
N LYS A 638 -3.38 4.68 27.22
CA LYS A 638 -4.20 5.30 26.19
C LYS A 638 -3.39 6.12 25.20
N MET A 639 -3.88 6.07 23.99
CA MET A 639 -3.43 6.93 22.87
C MET A 639 -4.65 7.73 22.38
N VAL A 640 -4.45 9.00 22.04
CA VAL A 640 -5.52 9.80 21.44
C VAL A 640 -4.96 10.23 20.11
N THR A 641 -5.62 9.84 19.04
CA THR A 641 -5.27 10.30 17.68
C THR A 641 -6.09 11.54 17.36
N LEU A 642 -5.41 12.69 17.33
CA LEU A 642 -6.00 13.96 16.94
C LEU A 642 -5.71 14.11 15.45
N LYS A 643 -6.71 14.37 14.66
CA LYS A 643 -6.44 14.36 13.19
C LYS A 643 -7.28 15.43 12.49
N ALA A 644 -6.63 16.17 11.63
CA ALA A 644 -7.23 17.14 10.73
C ALA A 644 -6.83 16.82 9.29
N TYR A 645 -7.02 17.76 8.38
CA TYR A 645 -6.57 17.64 7.00
C TYR A 645 -6.41 19.05 6.43
N ASN A 646 -5.86 19.15 5.24
CA ASN A 646 -5.49 20.46 4.65
C ASN A 646 -5.21 20.22 3.15
N THR A 647 -4.72 21.20 2.40
CA THR A 647 -4.36 21.06 0.98
C THR A 647 -3.40 19.90 0.73
N ASN A 648 -2.47 19.62 1.64
CA ASN A 648 -1.42 18.60 1.41
C ASN A 648 -1.78 17.23 2.01
N VAL A 649 -2.87 17.14 2.75
CA VAL A 649 -3.24 15.92 3.48
C VAL A 649 -4.69 15.59 3.11
N TRP A 650 -4.94 14.50 2.35
CA TRP A 650 -6.31 14.14 2.06
C TRP A 650 -7.04 13.76 3.34
N SER A 651 -8.29 14.14 3.40
CA SER A 651 -9.19 13.84 4.55
C SER A 651 -9.35 12.33 4.68
N SER A 652 -9.54 11.66 3.54
CA SER A 652 -9.92 10.24 3.44
C SER A 652 -9.48 9.78 2.04
N GLU A 653 -9.24 8.50 1.91
CA GLU A 653 -9.19 7.78 0.62
C GLU A 653 -10.45 6.96 0.49
N ILE A 654 -11.26 7.28 -0.51
CA ILE A 654 -12.56 6.57 -0.82
C ILE A 654 -12.46 6.00 -2.21
N TYR A 655 -12.60 4.69 -2.33
CA TYR A 655 -12.54 3.98 -3.63
C TYR A 655 -13.93 3.48 -4.00
N ASN A 656 -14.06 3.00 -5.25
CA ASN A 656 -15.26 2.35 -5.76
C ASN A 656 -15.90 1.45 -4.68
N LYS A 657 -15.12 0.62 -4.03
CA LYS A 657 -15.65 -0.30 -2.98
C LYS A 657 -14.81 -0.26 -1.71
N ASP A 658 -14.45 0.95 -1.25
CA ASP A 658 -13.76 1.11 0.02
C ASP A 658 -14.10 2.46 0.64
N ASN A 659 -14.37 2.44 1.96
CA ASN A 659 -14.41 3.69 2.79
C ASN A 659 -15.53 4.59 2.28
N ARG A 660 -16.61 4.05 1.74
CA ARG A 660 -17.65 4.85 1.05
C ARG A 660 -18.17 6.02 1.94
N TYR A 661 -18.23 5.83 3.28
CA TYR A 661 -18.81 6.78 4.22
C TYR A 661 -17.73 7.48 5.03
N GLY A 662 -16.49 7.49 4.52
CA GLY A 662 -15.33 8.03 5.27
C GLY A 662 -15.18 9.52 5.21
N ARG A 663 -16.18 10.27 4.82
CA ARG A 663 -16.04 11.74 4.63
C ARG A 663 -15.44 12.41 5.85
N TYR A 664 -15.81 11.97 7.04
CA TYR A 664 -15.45 12.65 8.30
C TYR A 664 -14.28 11.97 9.02
N GLN A 665 -13.54 11.13 8.32
CA GLN A 665 -12.37 10.44 8.90
C GLN A 665 -11.40 11.42 9.59
N SER A 666 -11.20 12.62 9.06
CA SER A 666 -10.19 13.60 9.52
C SER A 666 -10.82 14.90 9.99
N HIS A 667 -12.10 14.88 10.39
CA HIS A 667 -12.82 16.14 10.73
C HIS A 667 -12.46 16.68 12.13
N GLY A 668 -11.17 16.76 12.48
CA GLY A 668 -10.79 17.25 13.83
C GLY A 668 -11.11 16.16 14.85
N VAL A 669 -10.99 14.92 14.43
CA VAL A 669 -11.22 13.72 15.30
C VAL A 669 -10.18 13.64 16.40
N ALA A 670 -10.56 12.95 17.47
CA ALA A 670 -9.77 12.65 18.67
C ALA A 670 -10.14 11.29 19.21
N GLN A 671 -9.73 10.28 18.49
CA GLN A 671 -10.15 8.88 18.84
C GLN A 671 -9.29 8.39 20.01
N ILE A 672 -9.94 8.01 21.11
CA ILE A 672 -9.23 7.45 22.26
C ILE A 672 -9.14 5.92 22.14
N VAL A 673 -7.93 5.37 22.28
CA VAL A 673 -7.68 3.92 22.19
C VAL A 673 -6.79 3.52 23.35
N SER A 674 -7.29 2.59 24.17
CA SER A 674 -6.42 1.93 25.17
C SER A 674 -5.68 0.76 24.54
N ASN A 675 -4.58 0.36 25.16
CA ASN A 675 -3.66 -0.60 24.51
C ASN A 675 -4.45 -1.90 24.37
N GLY A 676 -4.61 -2.35 23.15
CA GLY A 676 -5.33 -3.60 22.90
C GLY A 676 -6.22 -3.47 21.71
N SER A 677 -7.05 -4.50 21.47
CA SER A 677 -7.98 -4.55 20.33
C SER A 677 -8.94 -3.33 20.34
N GLN A 678 -9.00 -2.59 19.25
CA GLN A 678 -10.05 -1.52 19.11
C GLN A 678 -11.43 -2.13 19.10
N LEU A 679 -11.62 -3.32 18.48
CA LEU A 679 -12.97 -3.91 18.49
C LEU A 679 -13.40 -4.23 19.92
N SER A 680 -12.50 -4.72 20.75
CA SER A 680 -12.84 -5.03 22.17
C SER A 680 -13.27 -3.76 22.94
N GLN A 681 -12.88 -2.60 22.46
CA GLN A 681 -13.22 -1.28 23.09
C GLN A 681 -14.48 -0.69 22.44
N GLY A 682 -15.14 -1.41 21.56
CA GLY A 682 -16.40 -0.95 21.04
C GLY A 682 -16.26 -0.23 19.72
N TYR A 683 -15.10 -0.30 19.09
CA TYR A 683 -15.01 0.30 17.75
C TYR A 683 -15.44 -0.81 16.79
N GLN A 684 -16.75 -0.91 16.65
CA GLN A 684 -17.46 -1.99 15.92
C GLN A 684 -18.04 -1.38 14.65
N GLN A 685 -17.72 -1.94 13.48
CA GLN A 685 -18.23 -1.40 12.19
C GLN A 685 -19.75 -1.56 12.09
N GLU A 686 -20.28 -2.70 12.51
CA GLU A 686 -21.72 -3.01 12.39
C GLU A 686 -22.55 -2.02 13.21
N GLY A 687 -23.41 -1.23 12.57
CA GLY A 687 -24.25 -0.23 13.25
C GLY A 687 -23.56 1.10 13.55
N TRP A 688 -22.26 1.24 13.27
CA TRP A 688 -21.45 2.43 13.43
C TRP A 688 -22.13 3.59 12.72
N ASP A 689 -22.34 4.69 13.46
CA ASP A 689 -22.84 5.93 12.85
C ASP A 689 -21.63 6.68 12.29
N TRP A 690 -21.45 6.63 10.98
CA TRP A 690 -20.30 7.24 10.24
C TRP A 690 -20.27 8.76 10.41
N ASN A 691 -21.39 9.40 10.74
CA ASN A 691 -21.50 10.83 11.02
C ASN A 691 -20.73 11.13 12.31
N ARG A 692 -20.70 10.20 13.24
CA ARG A 692 -20.25 10.50 14.64
C ARG A 692 -18.90 9.86 14.90
N MET A 693 -17.90 10.31 14.20
CA MET A 693 -16.50 9.94 14.45
C MET A 693 -16.10 10.72 15.72
N GLN A 694 -15.43 10.09 16.68
CA GLN A 694 -15.14 10.76 17.98
C GLN A 694 -14.28 12.03 17.77
N GLY A 695 -14.76 13.13 18.35
CA GLY A 695 -14.20 14.50 18.38
C GLY A 695 -14.66 15.33 17.19
N ALA A 696 -15.17 14.72 16.09
CA ALA A 696 -15.46 15.43 14.82
C ALA A 696 -16.64 16.39 15.02
N THR A 697 -16.62 17.49 14.28
CA THR A 697 -17.83 18.31 14.03
C THR A 697 -18.28 18.01 12.61
N THR A 698 -19.55 17.65 12.46
CA THR A 698 -20.04 17.01 11.22
C THR A 698 -21.49 17.47 10.94
N ILE A 699 -21.88 17.33 9.70
CA ILE A 699 -23.33 17.39 9.38
C ILE A 699 -23.83 15.97 9.44
N HIS A 700 -24.81 15.73 10.29
CA HIS A 700 -25.42 14.38 10.31
C HIS A 700 -26.26 14.18 9.05
N LEU A 701 -25.81 13.29 8.18
CA LEU A 701 -26.47 13.03 6.91
C LEU A 701 -27.00 11.62 6.81
N PRO A 702 -28.07 11.46 6.04
CA PRO A 702 -28.44 10.12 5.55
C PRO A 702 -27.24 9.50 4.80
N LEU A 703 -27.02 8.19 4.93
CA LEU A 703 -25.85 7.53 4.26
C LEU A 703 -25.86 7.78 2.75
N LYS A 704 -27.01 7.92 2.13
CA LYS A 704 -27.01 8.20 0.66
C LYS A 704 -26.37 9.53 0.34
N ASP A 705 -26.40 10.47 1.28
CA ASP A 705 -25.80 11.79 1.09
C ASP A 705 -24.40 11.88 1.71
N LEU A 706 -24.06 11.01 2.67
CA LEU A 706 -22.70 11.01 3.22
C LEU A 706 -21.74 10.26 2.29
N ASP A 707 -22.28 9.35 1.50
CA ASP A 707 -21.48 8.55 0.56
C ASP A 707 -20.71 9.53 -0.31
N SER A 708 -19.51 9.22 -0.68
CA SER A 708 -18.75 10.05 -1.63
C SER A 708 -19.56 10.24 -2.91
N PRO A 709 -19.62 11.48 -3.45
CA PRO A 709 -20.28 11.78 -4.71
C PRO A 709 -19.49 11.24 -5.92
N LYS A 710 -18.26 10.76 -5.78
CA LYS A 710 -17.58 10.11 -6.92
C LYS A 710 -17.83 8.61 -6.88
N PRO A 711 -18.28 8.03 -7.99
CA PRO A 711 -18.46 6.59 -8.04
C PRO A 711 -17.19 5.78 -7.81
N HIS A 712 -16.04 6.31 -8.24
CA HIS A 712 -14.75 5.61 -8.06
C HIS A 712 -14.03 6.37 -6.94
N THR A 713 -12.95 7.09 -7.25
CA THR A 713 -11.98 7.54 -6.25
C THR A 713 -12.24 8.98 -5.86
N LEU A 714 -12.21 9.27 -4.56
CA LEU A 714 -12.14 10.67 -4.09
C LEU A 714 -11.20 10.71 -2.92
N MET A 715 -10.17 11.53 -3.03
CA MET A 715 -9.27 11.81 -1.91
C MET A 715 -9.35 13.30 -1.62
N GLN A 716 -10.37 13.68 -0.85
CA GLN A 716 -10.76 15.11 -0.75
C GLN A 716 -9.69 15.84 0.08
N ARG A 717 -9.01 16.75 -0.58
CA ARG A 717 -8.09 17.62 0.17
C ARG A 717 -8.78 18.86 0.69
N GLY A 718 -8.15 19.53 1.67
CA GLY A 718 -8.70 20.72 2.27
C GLY A 718 -8.43 21.98 1.47
N GLU A 719 -8.98 23.05 2.00
CA GLU A 719 -9.08 24.32 1.23
C GLU A 719 -7.94 25.29 1.59
N ARG A 720 -7.08 25.00 2.57
CA ARG A 720 -5.92 25.88 2.90
C ARG A 720 -4.80 24.95 3.39
N GLY A 721 -3.56 25.45 3.34
CA GLY A 721 -2.40 24.72 3.91
C GLY A 721 -2.47 24.46 5.42
N PHE A 722 -3.06 25.34 6.19
CA PHE A 722 -2.91 25.28 7.67
C PHE A 722 -4.02 24.44 8.29
N SER A 723 -3.63 23.36 8.92
CA SER A 723 -4.41 22.57 9.91
C SER A 723 -3.51 21.43 10.34
N GLY A 724 -3.46 21.14 11.61
CA GLY A 724 -2.60 20.08 12.12
C GLY A 724 -2.33 20.24 13.61
N THR A 725 -1.18 19.76 14.04
CA THR A 725 -0.81 19.80 15.44
C THR A 725 0.59 20.40 15.71
N SER A 726 0.85 20.62 17.00
CA SER A 726 2.16 21.01 17.52
C SER A 726 2.40 20.38 18.87
N SER A 727 3.62 20.54 19.36
CA SER A 727 4.07 19.87 20.59
C SER A 727 4.97 20.81 21.39
N LEU A 728 5.05 20.56 22.69
CA LEU A 728 5.86 21.34 23.62
C LEU A 728 6.47 20.32 24.62
N GLU A 729 7.79 20.32 24.70
CA GLU A 729 8.57 19.55 25.71
C GLU A 729 8.32 18.05 25.56
N GLY A 730 7.86 17.61 24.41
CA GLY A 730 7.49 16.21 24.18
C GLY A 730 6.31 15.78 25.05
N GLN A 731 5.63 16.67 25.73
CA GLN A 731 4.62 16.26 26.72
C GLN A 731 3.25 16.79 26.31
N TYR A 732 3.23 18.02 25.80
CA TYR A 732 1.95 18.73 25.56
C TYR A 732 1.71 18.92 24.07
N GLY A 733 0.44 18.99 23.70
CA GLY A 733 0.03 19.14 22.30
C GLY A 733 -1.08 20.12 22.08
N MET A 734 -1.17 20.60 20.83
CA MET A 734 -2.35 21.31 20.40
C MET A 734 -2.73 20.87 18.98
N MET A 735 -4.03 20.74 18.73
CA MET A 735 -4.58 20.58 17.36
C MET A 735 -5.25 21.90 17.00
N ALA A 736 -5.04 22.35 15.79
CA ALA A 736 -5.73 23.46 15.15
C ALA A 736 -6.34 22.96 13.85
N PHE A 737 -7.64 23.03 13.75
CA PHE A 737 -8.39 22.48 12.59
C PHE A 737 -9.32 23.55 12.07
N ASP A 738 -9.07 23.99 10.86
CA ASP A 738 -9.93 24.99 10.19
C ASP A 738 -10.79 24.20 9.20
N LEU A 739 -12.06 24.01 9.56
CA LEU A 739 -12.99 23.17 8.78
C LEU A 739 -13.59 24.09 7.71
N ILE A 740 -13.21 23.86 6.48
CA ILE A 740 -13.63 24.63 5.29
C ILE A 740 -14.00 23.60 4.23
N TYR A 741 -15.15 23.77 3.59
CA TYR A 741 -15.60 22.89 2.53
C TYR A 741 -15.38 23.55 1.17
N PRO A 742 -15.37 22.71 0.12
CA PRO A 742 -15.25 23.17 -1.27
C PRO A 742 -16.43 24.05 -1.71
N ALA A 743 -16.15 24.99 -2.60
CA ALA A 743 -17.12 25.97 -3.09
C ALA A 743 -18.22 25.19 -3.84
N ASN A 744 -17.92 24.08 -4.48
CA ASN A 744 -18.97 23.43 -5.31
C ASN A 744 -18.66 21.97 -5.57
N LEU A 745 -18.81 21.12 -4.57
CA LEU A 745 -18.68 19.68 -4.69
C LEU A 745 -20.03 19.10 -4.22
N GLU A 746 -20.60 18.22 -5.04
CA GLU A 746 -21.93 17.69 -4.76
C GLU A 746 -21.87 16.99 -3.40
N ARG A 747 -22.88 17.30 -2.58
CA ARG A 747 -23.17 16.68 -1.28
C ARG A 747 -22.33 17.36 -0.17
N PHE A 748 -21.48 18.32 -0.54
CA PHE A 748 -20.64 19.06 0.41
C PHE A 748 -21.26 20.43 0.58
N ASP A 749 -21.79 20.75 1.76
CA ASP A 749 -22.37 22.08 2.02
C ASP A 749 -21.29 23.16 1.96
N PRO A 750 -21.28 24.08 0.94
CA PRO A 750 -20.17 24.97 0.82
C PRO A 750 -20.00 25.96 1.97
N ASN A 751 -20.98 26.11 2.83
CA ASN A 751 -20.97 27.08 3.95
C ASN A 751 -20.74 26.32 5.27
N PHE A 752 -20.50 25.02 5.21
CA PHE A 752 -20.16 24.31 6.50
C PHE A 752 -18.76 24.69 6.96
N THR A 753 -18.67 25.29 8.15
CA THR A 753 -17.41 25.80 8.71
C THR A 753 -17.32 25.52 10.22
N ALA A 754 -16.10 25.49 10.72
CA ALA A 754 -15.82 25.44 12.17
C ALA A 754 -14.34 25.75 12.36
N LYS A 755 -14.02 26.25 13.54
CA LYS A 755 -12.66 26.38 14.07
C LYS A 755 -12.62 25.43 15.29
N LYS A 756 -11.74 24.43 15.31
CA LYS A 756 -11.72 23.39 16.35
C LYS A 756 -10.31 23.23 16.87
N SER A 757 -10.06 23.55 18.17
CA SER A 757 -8.73 23.42 18.75
C SER A 757 -8.82 22.39 19.86
N VAL A 758 -7.72 21.72 20.12
CA VAL A 758 -7.58 20.81 21.27
C VAL A 758 -6.23 21.05 21.95
N LEU A 759 -6.20 21.19 23.27
CA LEU A 759 -4.96 21.24 24.04
C LEU A 759 -4.84 19.99 24.90
N ALA A 760 -3.78 19.23 24.71
CA ALA A 760 -3.60 17.92 25.39
C ALA A 760 -2.46 17.99 26.38
N ALA A 761 -2.69 17.58 27.63
CA ALA A 761 -1.63 17.50 28.62
C ALA A 761 -1.95 16.42 29.64
N ASP A 762 -0.98 15.59 29.96
CA ASP A 762 -1.08 14.65 31.09
C ASP A 762 -2.36 13.85 30.87
N ASN A 763 -3.23 13.76 31.86
CA ASN A 763 -4.42 12.88 31.81
C ASN A 763 -5.62 13.55 31.13
N HIS A 764 -5.45 14.70 30.46
CA HIS A 764 -6.64 15.44 30.00
C HIS A 764 -6.46 16.15 28.69
N LEU A 765 -7.57 16.47 28.04
CA LEU A 765 -7.63 17.24 26.78
C LEU A 765 -8.77 18.25 26.88
N ILE A 766 -8.52 19.49 26.48
CA ILE A 766 -9.47 20.61 26.47
C ILE A 766 -9.92 20.81 25.03
N PHE A 767 -11.21 20.61 24.74
CA PHE A 767 -11.71 20.78 23.35
C PHE A 767 -12.51 22.06 23.24
N ILE A 768 -12.23 22.90 22.23
CA ILE A 768 -13.04 24.13 22.05
C ILE A 768 -13.31 24.31 20.57
N GLY A 769 -14.46 24.90 20.29
CA GLY A 769 -14.84 25.16 18.91
C GLY A 769 -15.56 26.49 18.85
N SER A 770 -15.49 27.10 17.68
CA SER A 770 -16.13 28.39 17.46
C SER A 770 -16.42 28.52 15.99
N ASN A 771 -17.27 29.51 15.66
CA ASN A 771 -17.47 29.92 14.26
C ASN A 771 -18.07 28.73 13.48
N ILE A 772 -18.88 27.92 14.14
CA ILE A 772 -19.56 26.79 13.46
C ILE A 772 -20.76 27.30 12.69
N ASN A 773 -20.88 26.89 11.41
CA ASN A 773 -21.96 27.37 10.56
C ASN A 773 -22.27 26.29 9.50
N SER A 774 -23.39 26.47 8.84
CA SER A 774 -23.83 25.64 7.70
C SER A 774 -24.80 26.49 6.88
N SER A 775 -25.25 25.96 5.73
CA SER A 775 -26.24 26.64 4.85
C SER A 775 -27.59 26.71 5.55
N ASP A 776 -27.78 25.86 6.56
CA ASP A 776 -29.11 25.59 7.15
C ASP A 776 -29.15 25.86 8.64
N LYS A 777 -28.50 26.94 9.12
CA LYS A 777 -28.67 27.40 10.51
C LYS A 777 -28.26 26.25 11.45
N ASN A 778 -27.21 25.51 11.10
CA ASN A 778 -26.60 24.48 11.98
C ASN A 778 -27.61 23.36 12.22
N LYS A 779 -28.58 23.19 11.33
CA LYS A 779 -29.48 22.03 11.43
C LYS A 779 -28.61 20.78 11.19
N ASN A 780 -28.74 19.83 12.06
CA ASN A 780 -28.02 18.53 11.98
C ASN A 780 -26.52 18.76 12.12
N VAL A 781 -26.08 19.90 12.62
CA VAL A 781 -24.62 20.07 12.88
C VAL A 781 -24.34 19.60 14.30
N GLU A 782 -23.34 18.74 14.45
CA GLU A 782 -23.10 18.06 15.75
C GLU A 782 -21.60 17.93 16.00
N THR A 783 -21.22 17.84 17.26
CA THR A 783 -19.86 17.47 17.65
C THR A 783 -19.93 16.21 18.50
N THR A 784 -19.25 15.17 18.06
CA THR A 784 -19.35 13.88 18.77
C THR A 784 -18.36 13.80 19.92
N LEU A 785 -18.83 13.59 21.15
CA LEU A 785 -17.97 13.31 22.30
C LEU A 785 -17.36 11.92 22.20
N PHE A 786 -18.20 10.90 22.00
CA PHE A 786 -17.75 9.51 21.87
C PHE A 786 -18.87 8.71 21.17
N GLN A 787 -18.46 7.59 20.68
CA GLN A 787 -19.34 6.52 20.18
C GLN A 787 -18.61 5.20 20.43
N HIS A 788 -19.28 4.24 21.08
CA HIS A 788 -18.75 2.84 21.16
C HIS A 788 -19.91 1.85 21.27
N ALA A 789 -19.65 0.61 20.85
CA ALA A 789 -20.63 -0.46 20.87
C ALA A 789 -20.96 -0.76 22.34
N ILE A 790 -22.13 -1.34 22.57
CA ILE A 790 -22.54 -1.82 23.91
C ILE A 790 -22.31 -3.32 23.88
N THR A 791 -21.61 -3.85 24.89
CA THR A 791 -21.40 -5.31 25.00
C THR A 791 -21.47 -5.64 26.50
N PRO A 792 -21.53 -6.92 26.92
CA PRO A 792 -21.47 -7.22 28.37
C PRO A 792 -20.28 -6.60 29.13
N THR A 793 -19.14 -6.44 28.51
CA THR A 793 -17.95 -5.80 29.10
C THR A 793 -17.98 -4.29 28.86
N LEU A 794 -18.80 -3.79 27.93
CA LEU A 794 -18.90 -2.37 27.65
C LEU A 794 -20.35 -1.98 27.85
N ASN A 795 -20.83 -2.21 29.05
CA ASN A 795 -22.28 -2.07 29.27
CA ASN A 795 -22.22 -2.20 29.54
C ASN A 795 -22.64 -0.85 30.13
N THR A 796 -21.69 -0.12 30.75
CA THR A 796 -22.03 0.91 31.79
C THR A 796 -21.62 2.30 31.30
N LEU A 797 -22.53 3.25 31.39
CA LEU A 797 -22.21 4.71 31.32
C LEU A 797 -22.41 5.30 32.71
N TRP A 798 -21.66 6.31 33.03
CA TRP A 798 -21.98 7.16 34.21
C TRP A 798 -22.43 8.52 33.70
N ILE A 799 -23.50 9.03 34.26
CA ILE A 799 -23.94 10.42 34.02
C ILE A 799 -24.19 11.10 35.37
N ASN A 800 -23.40 12.14 35.66
CA ASN A 800 -23.59 12.89 36.94
C ASN A 800 -23.75 11.91 38.08
N GLY A 801 -22.84 10.95 38.19
CA GLY A 801 -22.74 10.12 39.39
C GLY A 801 -23.73 8.98 39.35
N GLN A 802 -24.49 8.83 38.27
CA GLN A 802 -25.49 7.73 38.24
C GLN A 802 -25.08 6.73 37.17
N LYS A 803 -25.14 5.47 37.52
CA LYS A 803 -24.83 4.42 36.54
C LYS A 803 -26.03 4.24 35.61
N ILE A 804 -25.83 4.24 34.31
CA ILE A 804 -26.92 3.96 33.33
C ILE A 804 -26.55 2.69 32.54
N GLU A 805 -27.43 1.71 32.57
CA GLU A 805 -27.21 0.44 31.84
C GLU A 805 -28.43 0.12 30.94
N ASN A 806 -29.50 0.88 31.03
CA ASN A 806 -30.75 0.61 30.27
C ASN A 806 -30.46 0.69 28.77
N MET A 807 -31.07 -0.15 27.93
CA MET A 807 -30.99 0.03 26.45
C MET A 807 -32.44 -0.14 25.99
N PRO A 808 -33.11 0.78 25.32
CA PRO A 808 -32.54 2.07 24.95
C PRO A 808 -32.57 3.06 26.12
N TYR A 809 -31.89 4.16 25.93
CA TYR A 809 -31.79 5.25 26.91
C TYR A 809 -31.51 6.53 26.13
N GLN A 810 -32.20 7.60 26.47
CA GLN A 810 -31.81 8.96 25.96
C GLN A 810 -31.88 9.98 27.12
N THR A 811 -31.05 10.98 27.07
CA THR A 811 -31.17 12.14 27.97
C THR A 811 -30.40 13.28 27.32
N THR A 812 -30.51 14.46 27.94
CA THR A 812 -29.93 15.69 27.39
C THR A 812 -29.22 16.37 28.54
N LEU A 813 -28.00 16.72 28.30
CA LEU A 813 -27.15 17.37 29.30
C LEU A 813 -26.76 18.76 28.80
N GLN A 814 -26.14 19.50 29.71
CA GLN A 814 -25.65 20.86 29.44
C GLN A 814 -24.44 21.18 30.33
N GLN A 815 -24.03 22.45 30.26
CA GLN A 815 -22.87 22.97 30.99
C GLN A 815 -22.91 22.49 32.43
N GLY A 816 -21.79 21.95 32.93
CA GLY A 816 -21.52 21.53 34.32
C GLY A 816 -21.89 20.05 34.53
N ASP A 817 -22.53 19.43 33.58
CA ASP A 817 -22.78 17.95 33.61
C ASP A 817 -21.57 17.16 33.11
N TRP A 818 -21.50 15.91 33.53
CA TRP A 818 -20.42 15.00 33.11
C TRP A 818 -20.92 13.57 32.85
N LEU A 819 -20.15 12.87 32.05
CA LEU A 819 -20.34 11.44 31.82
C LEU A 819 -19.00 10.71 31.75
N ILE A 820 -19.10 9.38 31.83
CA ILE A 820 -17.93 8.47 31.66
C ILE A 820 -18.43 7.37 30.69
N ASP A 821 -17.69 7.15 29.61
CA ASP A 821 -18.03 6.05 28.68
C ASP A 821 -17.52 4.72 29.28
N SER A 822 -17.76 3.58 28.58
CA SER A 822 -17.45 2.25 29.15
C SER A 822 -15.95 1.99 29.14
N ASN A 823 -15.16 2.81 28.45
CA ASN A 823 -13.70 2.75 28.27
C ASN A 823 -12.99 3.67 29.31
N GLY A 824 -13.74 4.25 30.27
CA GLY A 824 -13.12 4.96 31.39
C GLY A 824 -12.66 6.38 30.99
N ASN A 825 -13.22 6.93 29.93
CA ASN A 825 -13.05 8.32 29.50
C ASN A 825 -14.17 9.15 30.11
N GLY A 826 -13.79 10.21 30.85
CA GLY A 826 -14.75 11.17 31.42
C GLY A 826 -14.83 12.40 30.56
N TYR A 827 -16.01 12.96 30.42
CA TYR A 827 -16.28 14.14 29.58
C TYR A 827 -17.02 15.13 30.44
N LEU A 828 -16.40 16.29 30.70
CA LEU A 828 -17.09 17.31 31.47
C LEU A 828 -17.53 18.34 30.45
N ILE A 829 -18.81 18.63 30.43
CA ILE A 829 -19.41 19.63 29.52
C ILE A 829 -19.21 21.00 30.16
N THR A 830 -18.44 21.84 29.52
CA THR A 830 -18.06 23.14 30.13
C THR A 830 -18.69 24.30 29.33
N GLN A 831 -19.04 24.17 28.07
CA GLN A 831 -19.85 25.21 27.35
C GLN A 831 -20.62 24.51 26.21
N ALA A 832 -21.93 24.32 26.44
CA ALA A 832 -22.87 23.71 25.44
C ALA A 832 -24.26 23.86 26.03
N GLU A 833 -25.20 24.18 25.17
CA GLU A 833 -26.59 24.32 25.66
C GLU A 833 -27.23 22.93 25.58
N LYS A 834 -26.74 22.09 24.65
CA LYS A 834 -27.46 20.84 24.42
C LYS A 834 -26.52 19.72 23.99
N VAL A 835 -26.44 18.73 24.86
CA VAL A 835 -25.64 17.51 24.64
C VAL A 835 -26.58 16.38 24.80
N ASN A 836 -26.81 15.67 23.71
CA ASN A 836 -27.61 14.43 23.71
C ASN A 836 -26.75 13.23 24.13
N VAL A 837 -27.33 12.34 24.96
CA VAL A 837 -26.69 11.04 25.25
C VAL A 837 -27.66 9.96 24.75
N SER A 838 -27.12 8.91 24.14
CA SER A 838 -27.99 7.82 23.56
C SER A 838 -27.38 6.45 23.77
N ARG A 839 -28.20 5.54 24.22
CA ARG A 839 -27.92 4.09 24.15
C ARG A 839 -29.04 3.47 23.30
N GLN A 840 -28.71 3.03 22.10
CA GLN A 840 -29.72 2.81 21.05
C GLN A 840 -29.23 1.77 20.04
N HIS A 841 -30.20 1.05 19.50
CA HIS A 841 -29.97 0.26 18.28
C HIS A 841 -29.70 1.24 17.14
N GLN A 842 -28.67 0.98 16.35
CA GLN A 842 -28.33 1.81 15.14
C GLN A 842 -28.34 0.88 13.92
N VAL A 843 -28.78 1.41 12.79
CA VAL A 843 -28.61 0.78 11.48
C VAL A 843 -27.63 1.60 10.65
N SER A 844 -26.67 0.91 10.06
CA SER A 844 -25.60 1.56 9.29
C SER A 844 -25.44 0.79 7.97
N ALA A 845 -24.26 0.89 7.39
CA ALA A 845 -23.87 0.16 6.18
C ALA A 845 -22.33 0.01 6.19
N GLU A 846 -21.86 -1.12 5.72
CA GLU A 846 -20.45 -1.49 5.67
C GLU A 846 -19.80 -0.71 4.51
N ASN A 847 -18.52 -0.40 4.74
CA ASN A 847 -17.80 0.65 4.00
C ASN A 847 -17.40 0.15 2.60
N LYS A 848 -17.43 -1.14 2.35
CA LYS A 848 -17.00 -1.71 1.02
C LYS A 848 -18.15 -1.78 0.02
N ASN A 849 -19.25 -2.42 0.38
CA ASN A 849 -20.34 -2.67 -0.60
C ASN A 849 -21.67 -2.04 -0.14
N ARG A 850 -21.63 -1.21 0.90
CA ARG A 850 -22.83 -0.47 1.38
C ARG A 850 -23.96 -1.40 1.86
N GLN A 851 -23.65 -2.61 2.27
CA GLN A 851 -24.66 -3.61 2.69
C GLN A 851 -25.07 -3.26 4.13
N PRO A 852 -26.35 -3.46 4.47
CA PRO A 852 -26.84 -3.00 5.76
C PRO A 852 -26.14 -3.75 6.89
N THR A 853 -25.99 -2.99 7.98
CA THR A 853 -25.48 -3.52 9.25
C THR A 853 -26.30 -2.97 10.42
N GLU A 854 -26.12 -3.57 11.60
CA GLU A 854 -26.84 -3.07 12.80
C GLU A 854 -25.98 -3.37 14.04
N GLY A 855 -26.19 -2.57 15.10
CA GLY A 855 -25.51 -2.75 16.39
C GLY A 855 -26.07 -1.81 17.44
N ASN A 856 -25.77 -2.10 18.70
CA ASN A 856 -26.18 -1.28 19.86
C ASN A 856 -25.01 -0.43 20.25
N PHE A 857 -25.23 0.85 20.40
CA PHE A 857 -24.19 1.87 20.68
C PHE A 857 -24.58 2.84 21.80
N SER A 858 -23.57 3.17 22.56
CA SER A 858 -23.55 4.32 23.50
C SER A 858 -22.87 5.48 22.76
N SER A 859 -23.47 6.64 22.85
CA SER A 859 -22.86 7.83 22.21
C SER A 859 -23.27 9.12 22.92
N ALA A 860 -22.54 10.17 22.66
CA ALA A 860 -22.96 11.50 23.14
C ALA A 860 -22.45 12.53 22.13
N TRP A 861 -23.30 13.48 21.80
CA TRP A 861 -22.91 14.55 20.87
C TRP A 861 -23.52 15.87 21.32
N ILE A 862 -22.86 16.95 20.92
CA ILE A 862 -23.39 18.32 21.07
C ILE A 862 -24.27 18.64 19.87
N ASP A 863 -25.47 19.13 20.12
CA ASP A 863 -26.42 19.62 19.10
C ASP A 863 -26.23 21.12 18.91
N HIS A 864 -25.63 21.49 17.78
CA HIS A 864 -25.31 22.91 17.51
C HIS A 864 -26.50 23.66 16.93
N SER A 865 -27.62 23.01 16.62
CA SER A 865 -28.83 23.68 16.04
C SER A 865 -29.41 24.71 17.04
N THR A 866 -29.01 24.71 18.30
CA THR A 866 -29.51 25.73 19.27
C THR A 866 -28.95 27.11 18.94
N ARG A 867 -27.88 27.17 18.17
CA ARG A 867 -27.22 28.42 17.81
C ARG A 867 -27.12 28.49 16.30
N PRO A 868 -28.04 29.17 15.61
CA PRO A 868 -28.09 29.20 14.14
C PRO A 868 -26.84 29.80 13.49
N LYS A 869 -26.12 30.67 14.20
CA LYS A 869 -24.94 31.28 13.57
C LYS A 869 -23.77 31.26 14.57
N ASP A 870 -22.59 30.87 14.10
CA ASP A 870 -21.35 30.91 14.93
C ASP A 870 -21.59 30.11 16.21
N ALA A 871 -22.08 28.88 16.05
CA ALA A 871 -22.16 27.95 17.19
C ALA A 871 -20.76 27.69 17.77
N SER A 872 -20.74 27.16 19.01
CA SER A 872 -19.48 26.93 19.68
C SER A 872 -19.63 25.79 20.67
N TYR A 873 -18.52 25.30 21.21
CA TYR A 873 -18.55 24.36 22.34
C TYR A 873 -17.28 24.45 23.14
N GLU A 874 -17.33 23.94 24.37
CA GLU A 874 -16.13 23.57 25.10
C GLU A 874 -16.45 22.30 25.86
N TYR A 875 -15.47 21.45 25.99
CA TYR A 875 -15.60 20.31 26.93
C TYR A 875 -14.21 19.82 27.26
N MET A 876 -14.13 18.99 28.30
CA MET A 876 -12.83 18.47 28.74
C MET A 876 -12.94 16.96 28.94
N VAL A 877 -11.90 16.22 28.47
CA VAL A 877 -11.81 14.76 28.62
C VAL A 877 -10.75 14.41 29.65
N PHE A 878 -11.08 13.50 30.55
CA PHE A 878 -10.17 12.91 31.55
C PHE A 878 -9.98 11.46 31.12
N LEU A 879 -8.78 11.06 30.88
CA LEU A 879 -8.40 9.71 30.41
C LEU A 879 -8.43 8.66 31.50
N ASP A 880 -8.37 9.08 32.76
CA ASP A 880 -8.35 8.17 33.91
C ASP A 880 -9.56 8.43 34.80
N ALA A 881 -10.67 8.80 34.23
CA ALA A 881 -11.89 9.18 34.93
C ALA A 881 -12.39 8.03 35.80
N THR A 882 -12.85 8.40 36.96
CA THR A 882 -13.67 7.61 37.87
C THR A 882 -14.80 8.52 38.33
N PRO A 883 -15.94 8.03 38.82
CA PRO A 883 -17.01 8.91 39.30
C PRO A 883 -16.51 9.90 40.38
N GLU A 884 -15.63 9.45 41.26
CA GLU A 884 -15.07 10.33 42.31
C GLU A 884 -14.24 11.45 41.70
N LYS A 885 -13.29 11.14 40.83
CA LYS A 885 -12.47 12.16 40.15
C LYS A 885 -13.36 13.09 39.30
N MET A 886 -14.37 12.60 38.56
CA MET A 886 -15.26 13.50 37.75
C MET A 886 -16.02 14.47 38.70
N GLY A 887 -16.47 14.02 39.87
CA GLY A 887 -17.02 14.87 40.96
C GLY A 887 -16.02 15.99 41.34
N GLU A 888 -14.75 15.66 41.51
CA GLU A 888 -13.70 16.63 41.85
C GLU A 888 -13.50 17.59 40.69
N MET A 889 -13.46 17.08 39.45
CA MET A 889 -13.25 17.97 38.29
C MET A 889 -14.43 18.93 38.12
N ALA A 890 -15.65 18.48 38.34
CA ALA A 890 -16.86 19.30 38.19
C ALA A 890 -16.79 20.41 39.26
N GLN A 891 -16.34 20.07 40.46
CA GLN A 891 -16.29 21.10 41.52
C GLN A 891 -15.23 22.17 41.16
N LYS A 892 -14.07 21.75 40.67
CA LYS A 892 -12.99 22.67 40.23
C LYS A 892 -13.55 23.59 39.11
N PHE A 893 -14.34 23.05 38.21
CA PHE A 893 -14.97 23.84 37.14
C PHE A 893 -15.92 24.87 37.75
N ARG A 894 -16.71 24.52 38.76
CA ARG A 894 -17.67 25.49 39.35
C ARG A 894 -16.96 26.62 40.13
N GLU A 895 -15.69 26.43 40.49
CA GLU A 895 -14.88 27.34 41.35
C GLU A 895 -14.18 28.34 40.43
N ASN A 896 -14.96 29.14 39.72
CA ASN A 896 -14.48 30.11 38.70
C ASN A 896 -13.61 29.40 37.65
N ASN A 897 -14.06 28.22 37.18
CA ASN A 897 -13.30 27.32 36.29
C ASN A 897 -11.82 27.28 36.68
N GLY A 898 -11.49 26.45 37.69
CA GLY A 898 -10.10 26.16 38.06
C GLY A 898 -9.39 25.27 37.07
N LEU A 899 -10.07 24.74 36.05
CA LEU A 899 -9.46 23.81 35.13
C LEU A 899 -8.69 24.52 34.04
N TYR A 900 -9.27 25.54 33.42
CA TYR A 900 -8.62 26.12 32.22
C TYR A 900 -9.26 27.48 32.00
N GLN A 901 -8.73 28.18 31.01
CA GLN A 901 -9.35 29.46 30.66
C GLN A 901 -9.12 29.68 29.17
N VAL A 902 -10.19 30.01 28.49
CA VAL A 902 -10.11 30.37 27.07
C VAL A 902 -9.82 31.87 27.06
N LEU A 903 -8.65 32.22 26.59
CA LEU A 903 -8.23 33.63 26.49
C LEU A 903 -8.70 34.26 25.18
N ARG A 904 -8.87 33.52 24.11
CA ARG A 904 -9.41 34.02 22.85
C ARG A 904 -10.09 32.85 22.15
N LYS A 905 -11.21 33.13 21.51
CA LYS A 905 -11.97 32.09 20.77
C LYS A 905 -12.66 32.74 19.57
N ASP A 906 -11.93 33.10 18.52
CA ASP A 906 -12.56 33.75 17.34
C ASP A 906 -11.95 33.18 16.06
N LYS A 907 -12.23 33.78 14.92
CA LYS A 907 -11.81 33.18 13.61
C LYS A 907 -10.32 33.39 13.41
N ASP A 908 -9.68 34.33 14.13
CA ASP A 908 -8.24 34.58 13.99
C ASP A 908 -7.41 33.71 14.94
N VAL A 909 -7.79 33.60 16.22
CA VAL A 909 -6.91 32.92 17.20
C VAL A 909 -7.80 32.17 18.18
N HIS A 910 -7.32 31.02 18.61
CA HIS A 910 -7.85 30.31 19.81
C HIS A 910 -6.70 30.20 20.76
N ILE A 911 -6.88 30.64 22.00
CA ILE A 911 -5.86 30.54 23.07
C ILE A 911 -6.46 29.83 24.27
N ILE A 912 -5.83 28.74 24.66
CA ILE A 912 -6.30 27.93 25.82
C ILE A 912 -5.24 27.91 26.89
N LEU A 913 -5.57 28.36 28.10
CA LEU A 913 -4.66 28.23 29.23
C LEU A 913 -5.15 26.96 29.97
N ASP A 914 -4.27 25.97 30.09
CA ASP A 914 -4.56 24.76 30.89
C ASP A 914 -4.05 25.00 32.31
N LYS A 915 -4.96 25.19 33.27
CA LYS A 915 -4.52 25.50 34.64
C LYS A 915 -4.06 24.24 35.36
N LEU A 916 -4.38 23.04 34.88
CA LEU A 916 -3.86 21.80 35.53
C LEU A 916 -2.36 21.61 35.23
N SER A 917 -1.92 21.91 34.00
CA SER A 917 -0.55 21.69 33.46
CA SER A 917 -0.52 21.66 33.59
C SER A 917 0.26 23.00 33.44
N ASN A 918 -0.43 24.13 33.49
CA ASN A 918 0.21 25.48 33.40
C ASN A 918 0.85 25.68 32.02
N VAL A 919 0.18 25.23 30.98
CA VAL A 919 0.60 25.31 29.56
C VAL A 919 -0.43 26.14 28.83
N THR A 920 0.00 26.98 27.90
CA THR A 920 -0.94 27.78 27.06
C THR A 920 -0.71 27.39 25.60
N GLY A 921 -1.77 27.03 24.86
CA GLY A 921 -1.72 26.77 23.41
C GLY A 921 -2.36 27.90 22.64
N TYR A 922 -1.70 28.32 21.54
CA TYR A 922 -2.16 29.44 20.69
C TYR A 922 -2.29 28.96 19.26
N ALA A 923 -3.54 28.81 18.79
CA ALA A 923 -3.84 28.41 17.39
C ALA A 923 -4.05 29.70 16.62
N PHE A 924 -3.01 30.19 15.96
CA PHE A 924 -3.13 31.38 15.07
C PHE A 924 -3.66 30.89 13.70
N TYR A 925 -5.01 30.89 13.48
CA TYR A 925 -5.66 30.51 12.21
C TYR A 925 -5.30 31.65 11.22
N GLN A 926 -5.01 32.84 11.75
CA GLN A 926 -4.55 33.96 10.88
C GLN A 926 -3.41 34.61 11.62
N PRO A 927 -2.43 35.20 10.92
CA PRO A 927 -1.45 36.05 11.60
C PRO A 927 -2.24 37.05 12.40
N ALA A 928 -1.73 37.48 13.55
CA ALA A 928 -2.44 38.49 14.36
C ALA A 928 -1.48 39.07 15.37
N SER A 929 -1.78 40.26 15.80
CA SER A 929 -1.28 40.83 17.07
C SER A 929 -2.31 40.46 18.12
N ILE A 930 -1.89 40.09 19.33
CA ILE A 930 -2.83 39.67 20.39
C ILE A 930 -2.45 40.35 21.68
N GLU A 931 -3.35 40.29 22.67
CA GLU A 931 -3.04 40.78 24.04
C GLU A 931 -2.97 39.53 24.91
N ASP A 932 -1.80 39.30 25.47
CA ASP A 932 -1.44 38.07 26.21
C ASP A 932 -0.22 38.39 27.08
N LYS A 933 -0.03 37.65 28.17
CA LYS A 933 1.16 37.88 29.02
C LYS A 933 2.44 37.54 28.23
N TRP A 934 2.45 36.49 27.40
CA TRP A 934 3.69 35.91 26.77
C TRP A 934 3.81 36.35 25.32
N ILE A 935 2.78 36.07 24.51
CA ILE A 935 2.81 36.24 23.04
C ILE A 935 2.19 37.59 22.63
N LYS A 936 2.88 38.32 21.76
CA LYS A 936 2.36 39.60 21.32
C LYS A 936 1.94 39.47 19.84
N LYS A 937 2.73 38.83 19.03
CA LYS A 937 2.37 38.79 17.59
C LYS A 937 2.98 37.59 16.91
N VAL A 938 2.30 37.06 15.88
CA VAL A 938 2.75 35.97 15.00
C VAL A 938 2.39 36.38 13.55
N ASN A 939 3.36 36.25 12.61
CA ASN A 939 3.21 36.86 11.28
C ASN A 939 2.76 35.83 10.24
N LYS A 940 2.43 34.62 10.64
CA LYS A 940 1.98 33.57 9.72
C LYS A 940 0.92 32.76 10.47
N PRO A 941 0.03 32.02 9.78
CA PRO A 941 -0.72 30.96 10.45
C PRO A 941 0.22 29.97 11.14
N ALA A 942 -0.02 29.70 12.45
CA ALA A 942 0.95 28.92 13.25
C ALA A 942 0.28 28.30 14.42
N ILE A 943 0.95 27.36 15.00
CA ILE A 943 0.57 26.92 16.39
C ILE A 943 1.74 27.22 17.31
N VAL A 944 1.50 28.00 18.36
CA VAL A 944 2.52 28.39 19.37
C VAL A 944 2.11 27.80 20.72
N MET A 945 3.06 27.38 21.52
CA MET A 945 2.78 26.87 22.89
C MET A 945 3.79 27.46 23.87
N THR A 946 3.35 27.76 25.11
CA THR A 946 4.24 28.28 26.17
C THR A 946 4.06 27.52 27.48
N HIS A 947 5.15 27.43 28.21
CA HIS A 947 5.20 26.88 29.60
C HIS A 947 6.18 27.70 30.44
N ARG A 948 5.68 28.42 31.44
CA ARG A 948 6.48 29.22 32.39
C ARG A 948 6.70 28.32 33.60
N GLN A 949 7.90 27.79 33.74
CA GLN A 949 8.28 26.95 34.90
C GLN A 949 9.45 27.62 35.65
N LYS A 950 9.30 27.88 36.94
CA LYS A 950 10.39 28.44 37.79
C LYS A 950 11.01 29.65 37.08
N ASP A 951 12.21 29.50 36.52
CA ASP A 951 13.10 30.59 36.04
C ASP A 951 13.12 30.66 34.49
N THR A 952 12.27 29.88 33.84
CA THR A 952 12.32 29.67 32.35
C THR A 952 10.93 29.86 31.76
N LEU A 953 10.89 30.31 30.53
CA LEU A 953 9.73 30.27 29.62
C LEU A 953 10.17 29.41 28.41
N ILE A 954 9.45 28.32 28.17
CA ILE A 954 9.65 27.44 26.99
C ILE A 954 8.56 27.79 25.99
N VAL A 955 9.01 28.16 24.80
CA VAL A 955 8.11 28.52 23.68
C VAL A 955 8.41 27.55 22.57
N SER A 956 7.36 26.89 22.08
CA SER A 956 7.41 26.13 20.82
C SER A 956 6.56 26.76 19.74
N ALA A 957 6.98 26.58 18.51
CA ALA A 957 6.20 27.11 17.39
C ALA A 957 6.43 26.20 16.19
N VAL A 958 5.48 26.26 15.27
CA VAL A 958 5.43 25.47 14.03
C VAL A 958 4.35 26.07 13.15
N THR A 959 4.37 25.76 11.85
CA THR A 959 3.15 25.73 11.05
C THR A 959 2.95 24.31 10.56
N PRO A 960 1.74 23.76 10.81
CA PRO A 960 1.43 22.42 10.30
C PRO A 960 1.30 22.44 8.78
N ASP A 961 1.28 23.62 8.17
CA ASP A 961 1.35 23.70 6.70
C ASP A 961 2.68 23.13 6.26
N LEU A 962 2.68 22.09 5.43
CA LEU A 962 3.94 21.43 4.94
C LEU A 962 4.59 22.29 3.85
N ASN A 963 3.89 23.32 3.37
CA ASN A 963 4.51 24.31 2.42
C ASN A 963 5.05 23.55 1.20
N MET A 964 4.19 22.81 0.51
CA MET A 964 4.55 22.08 -0.71
C MET A 964 3.31 21.84 -1.55
N THR A 965 3.41 21.08 -2.63
CA THR A 965 2.23 20.68 -3.49
C THR A 965 2.32 19.16 -3.70
N ARG A 966 1.47 18.59 -4.55
CA ARG A 966 1.63 17.17 -4.94
C ARG A 966 2.94 16.97 -5.70
N GLN A 967 3.53 18.05 -6.25
CA GLN A 967 4.74 17.94 -7.10
C GLN A 967 5.98 18.54 -6.40
N LYS A 968 5.83 19.62 -5.67
CA LYS A 968 6.97 20.42 -5.18
C LYS A 968 7.48 19.81 -3.88
N ALA A 969 8.81 19.86 -3.69
CA ALA A 969 9.44 19.64 -2.38
C ALA A 969 8.92 20.67 -1.37
N ALA A 970 8.63 20.21 -0.15
CA ALA A 970 8.43 21.04 1.05
C ALA A 970 9.68 21.90 1.28
N THR A 971 9.45 23.18 1.51
CA THR A 971 10.52 24.12 1.94
C THR A 971 10.12 24.78 3.24
N PRO A 972 11.14 25.16 4.05
CA PRO A 972 10.89 25.69 5.39
C PRO A 972 10.12 27.01 5.33
N VAL A 973 9.27 27.21 6.31
CA VAL A 973 8.53 28.46 6.54
C VAL A 973 9.22 29.16 7.72
N THR A 974 9.56 30.40 7.53
CA THR A 974 10.11 31.26 8.60
C THR A 974 8.93 31.91 9.33
N ILE A 975 8.82 31.70 10.63
CA ILE A 975 7.79 32.32 11.50
C ILE A 975 8.44 33.30 12.52
N ASN A 976 7.97 34.54 12.52
CA ASN A 976 8.41 35.53 13.54
C ASN A 976 7.39 35.58 14.65
N VAL A 977 7.80 35.19 15.86
CA VAL A 977 6.93 35.23 17.08
C VAL A 977 7.50 36.29 17.99
N THR A 978 6.79 37.39 18.22
CA THR A 978 7.23 38.46 19.12
C THR A 978 6.65 38.03 20.47
N ILE A 979 7.46 38.04 21.50
CA ILE A 979 6.96 37.77 22.88
C ILE A 979 7.23 39.03 23.69
N ASN A 980 6.36 39.22 24.66
CA ASN A 980 6.42 40.39 25.55
C ASN A 980 7.60 40.22 26.49
N GLY A 981 8.35 41.30 26.71
CA GLY A 981 9.44 41.30 27.67
C GLY A 981 10.75 40.92 26.99
N LYS A 982 11.79 40.97 27.80
CA LYS A 982 13.21 40.85 27.39
C LYS A 982 13.72 39.52 27.94
N TRP A 983 14.18 38.70 27.02
CA TRP A 983 14.56 37.29 27.24
C TRP A 983 15.95 37.03 26.63
N GLN A 984 16.67 36.08 27.22
CA GLN A 984 17.90 35.43 26.66
C GLN A 984 17.72 33.89 26.71
N SER A 985 18.58 33.03 26.16
CA SER A 985 18.26 31.56 26.24
C SER A 985 19.05 30.79 27.31
N SER A 990 18.66 24.20 20.96
CA SER A 990 17.69 24.93 20.09
C SER A 990 18.38 25.74 18.95
N GLU A 991 17.75 25.66 17.78
CA GLU A 991 18.02 26.29 16.46
C GLU A 991 17.17 27.54 16.29
N VAL A 992 16.30 27.88 17.23
CA VAL A 992 15.48 29.11 17.19
C VAL A 992 16.39 30.33 17.46
N LYS A 993 16.27 31.38 16.67
CA LYS A 993 17.08 32.60 16.94
C LYS A 993 16.22 33.62 17.69
N TYR A 994 16.84 34.40 18.54
CA TYR A 994 16.11 35.46 19.24
C TYR A 994 16.93 36.73 19.24
N GLN A 995 16.20 37.82 19.39
CA GLN A 995 16.76 39.18 19.33
C GLN A 995 15.83 40.03 20.15
N VAL A 996 16.39 40.69 21.19
CA VAL A 996 15.66 41.68 21.99
C VAL A 996 15.50 42.87 21.08
N SER A 997 14.32 43.44 21.11
CA SER A 997 13.88 44.57 20.25
C SER A 997 12.98 45.45 21.10
N GLY A 998 13.54 46.51 21.65
CA GLY A 998 12.83 47.40 22.60
C GLY A 998 12.46 46.66 23.86
N ASP A 999 11.20 46.75 24.29
CA ASP A 999 10.66 46.05 25.49
C ASP A 999 10.41 44.57 25.17
N ASN A 1000 10.52 44.14 23.91
CA ASN A 1000 10.06 42.81 23.46
C ASN A 1000 11.20 41.99 22.84
N THR A 1001 10.91 40.73 22.54
CA THR A 1001 11.92 39.74 22.06
C THR A 1001 11.32 39.08 20.83
N GLU A 1002 12.05 39.17 19.72
CA GLU A 1002 11.67 38.56 18.43
C GLU A 1002 12.31 37.17 18.40
N LEU A 1003 11.48 36.12 18.24
CA LEU A 1003 11.91 34.73 18.06
C LEU A 1003 11.71 34.37 16.58
N THR A 1004 12.72 33.82 15.94
CA THR A 1004 12.64 33.38 14.55
C THR A 1004 12.65 31.85 14.56
N PHE A 1005 11.50 31.28 14.20
CA PHE A 1005 11.34 29.81 14.07
C PHE A 1005 11.46 29.42 12.60
N THR A 1006 12.02 28.22 12.33
CA THR A 1006 12.05 27.61 10.99
C THR A 1006 11.21 26.35 11.00
N SER A 1007 10.04 26.40 10.39
CA SER A 1007 9.09 25.26 10.38
C SER A 1007 9.31 24.48 9.09
N TYR A 1008 9.96 23.33 9.20
CA TYR A 1008 10.19 22.44 8.04
C TYR A 1008 9.28 21.23 8.22
N PHE A 1009 8.47 20.95 7.19
CA PHE A 1009 7.58 19.77 7.16
C PHE A 1009 6.78 19.67 8.46
N GLY A 1010 6.36 20.81 9.00
CA GLY A 1010 5.48 20.86 10.17
C GLY A 1010 6.14 20.29 11.41
N ILE A 1011 7.47 20.44 11.56
CA ILE A 1011 8.25 19.88 12.70
C ILE A 1011 8.41 20.99 13.70
N PRO A 1012 7.79 20.92 14.90
CA PRO A 1012 7.97 21.97 15.89
C PRO A 1012 9.42 22.17 16.27
N GLN A 1013 9.71 23.41 16.69
CA GLN A 1013 10.95 23.77 17.34
C GLN A 1013 10.57 24.44 18.66
N GLU A 1014 11.48 24.41 19.60
CA GLU A 1014 11.23 25.08 20.87
C GLU A 1014 12.55 25.65 21.38
N ILE A 1015 12.36 26.56 22.28
CA ILE A 1015 13.49 27.32 22.90
C ILE A 1015 13.14 27.53 24.35
N LYS A 1016 14.12 27.34 25.23
CA LYS A 1016 14.01 27.69 26.66
C LYS A 1016 14.64 29.06 26.89
N LEU A 1017 13.84 30.01 27.34
CA LEU A 1017 14.28 31.41 27.54
C LEU A 1017 14.34 31.66 29.03
N SER A 1018 15.20 32.56 29.46
CA SER A 1018 15.14 33.09 30.83
C SER A 1018 15.07 34.60 30.74
N PRO A 1019 14.51 35.27 31.78
CA PRO A 1019 14.27 36.68 31.71
C PRO A 1019 15.57 37.49 31.82
N LEU A 1020 15.62 38.60 31.08
CA LEU A 1020 16.70 39.60 31.27
C LEU A 1020 16.22 40.53 32.36
N PRO A 1021 17.08 40.89 33.33
CA PRO A 1021 16.83 42.10 34.10
C PRO A 1021 16.66 43.18 33.01
C1 ASG B . -3.60 4.82 -7.64
C2 ASG B . -4.22 3.46 -7.92
C3 ASG B . -3.45 2.58 -7.00
C4 ASG B . -1.96 2.62 -7.35
C5 ASG B . -1.39 4.03 -7.24
C6 ASG B . 0.06 3.97 -7.76
C7 ASG B . -6.67 3.09 -8.15
C8 ASG B . -6.44 2.37 -9.38
O1 ASG B . -4.16 5.61 -8.58
N2 ASG B . -5.61 3.57 -7.54
O3 ASG B . -4.03 1.29 -7.07
O4 ASG B . -1.83 2.13 -8.69
O5 ASG B . -2.26 4.80 -8.05
O6 ASG B . 0.78 5.02 -7.15
O7 ASG B . -7.79 3.30 -7.62
OSA ASG B . 0.01 0.60 -7.77
OSB ASG B . -0.23 1.14 -10.04
OSC ASG B . -1.88 -0.38 -8.87
S ASG B . -0.88 0.86 -8.82
C1 GCD B . -4.44 0.81 -5.81
C2 GCD B . -5.11 -0.55 -6.08
C3 GCD B . -4.15 -1.63 -6.54
C4 GCD B . -2.82 -1.53 -5.87
C5 GCD B . -2.45 -0.37 -5.14
C6 GCD B . -1.12 -0.13 -4.60
O2 GCD B . -5.68 -0.94 -4.81
O3 GCD B . -4.06 -1.49 -7.96
O5 GCD B . -3.39 0.70 -4.93
O6A GCD B . -0.79 1.01 -4.07
O6B GCD B . -0.34 -1.08 -4.60
C1 ASG C . -1.12 -4.05 1.32
C2 ASG C . -2.55 -3.59 1.42
C3 ASG C . -2.86 -4.74 2.40
C4 ASG C . -2.58 -6.09 1.66
C5 ASG C . -1.12 -6.14 1.08
C6 ASG C . -0.79 -7.40 0.21
C7 ASG C . -3.75 -1.50 1.78
C8 ASG C . -3.72 -0.09 2.30
O1 ASG C . -0.12 -3.22 1.55
N2 ASG C . -2.68 -2.24 1.97
O3 ASG C . -4.23 -4.59 2.75
O4 ASG C . -3.44 -6.20 0.46
O5 ASG C . -0.99 -4.94 0.27
O6 ASG C . 0.50 -7.33 -0.49
O7 ASG C . -4.72 -1.88 1.14
OSA ASG C . -3.52 -8.58 -0.24
OSB ASG C . -5.46 -7.12 -0.80
OSC ASG C . -4.68 -7.87 1.72
S ASG C . -4.32 -7.50 0.28
C1 GCD C . -4.45 -4.37 4.11
C2 GCD C . -6.00 -4.31 4.28
C3 GCD C . -6.80 -5.51 3.74
C4 GCD C . -5.98 -6.80 3.97
C5 GCD C . -4.73 -6.75 4.37
C6 GCD C . -4.07 -7.96 4.48
O2 GCD C . -6.25 -4.24 5.65
O3 GCD C . -7.08 -5.44 2.30
O5 GCD C . -3.94 -5.54 4.75
O6A GCD C . -4.38 -8.78 5.43
O6B GCD C . -3.28 -8.05 3.54
C1 ASG D . -10.81 13.66 -8.94
C2 ASG D . -10.14 13.46 -10.31
C3 ASG D . -9.74 11.95 -10.09
C4 ASG D . -8.90 11.81 -8.77
C5 ASG D . -9.52 12.52 -7.59
C6 ASG D . -8.75 12.43 -6.22
C7 ASG D . -10.70 14.42 -12.47
C8 ASG D . -11.79 14.49 -13.53
O1 ASG D . -12.14 14.15 -8.77
N2 ASG D . -11.07 13.75 -11.35
O3 ASG D . -8.99 11.46 -11.18
O4 ASG D . -7.54 12.39 -8.83
O5 ASG D . -9.73 13.96 -8.02
O6 ASG D . -9.67 13.03 -5.34
O7 ASG D . -9.57 14.92 -12.55
OSA ASG D . -5.17 12.29 -9.14
OSB ASG D . -6.71 10.35 -10.00
OSC ASG D . -6.33 10.90 -7.38
S ASG D . -6.35 11.44 -8.80
C1 GCD D . -9.89 10.75 -12.07
C2 GCD D . -9.13 10.30 -13.33
C3 GCD D . -8.07 9.23 -12.96
C4 GCD D . -8.57 8.16 -11.90
C5 GCD D . -9.78 8.36 -11.25
C6 GCD D . -10.47 7.40 -10.27
O2 GCD D . -10.13 9.72 -14.20
O3 GCD D . -6.90 9.93 -12.52
O5 GCD D . -10.58 9.58 -11.45
O6A GCD D . -11.68 7.61 -9.92
O6B GCD D . -9.78 6.47 -9.79
MG MG E . -4.66 -28.61 -28.57
#